data_1SG9
#
_entry.id   1SG9
#
_cell.length_a   81.025
_cell.length_b   188.332
_cell.length_c   207.684
_cell.angle_alpha   90.00
_cell.angle_beta   90.00
_cell.angle_gamma   90.00
#
_symmetry.space_group_name_H-M   'I 2 2 2'
#
loop_
_entity.id
_entity.type
_entity.pdbx_description
1 polymer 'hemK protein'
2 non-polymer S-ADENOSYLMETHIONINE
3 non-polymer GLUTAMINE
4 water water
#
_entity_poly.entity_id   1
_entity_poly.type   'polypeptide(L)'
_entity_poly.pdbx_seq_one_letter_code
;MDTRKNVSGAERKIWSLIRDCSGKLEGVTETSVLEVLLIVSRVLGIRKEDLFLKDLGVSPTEEKRILELVEKRASGYPLH
YILGEKEFMGLSFLVEEGVFVPRPETEELVELALELIRKYGIKTVADIGTGSGAIGVSVAKFSDAIVFATDVSSKAVEIA
RKNAERHGVSDRFFVRKGEFLEPFKEKFASIEMILSNPPYVKSSAHLPKDVLFEPPEALFGGEDGLDFYREFFGRYDTSG
KIVLMEIGEDQVEELKKIVSDTVFLKDSAGKYRFLLLNRRSS
;
_entity_poly.pdbx_strand_id   A,B,C
#
# COMPACT_ATOMS: atom_id res chain seq x y z
N SER A 8 0.31 35.86 39.44
CA SER A 8 -0.06 34.67 38.60
C SER A 8 1.23 34.09 37.98
N GLY A 9 2.20 33.81 38.83
CA GLY A 9 3.49 33.28 38.41
C GLY A 9 3.61 32.48 37.11
N ALA A 10 3.03 31.29 37.08
CA ALA A 10 3.09 30.41 35.92
C ALA A 10 2.12 30.79 34.81
N GLU A 11 1.08 31.55 35.17
CA GLU A 11 0.09 32.00 34.18
C GLU A 11 0.85 32.84 33.17
N ARG A 12 1.68 33.76 33.64
CA ARG A 12 2.49 34.54 32.71
C ARG A 12 3.49 33.46 32.30
N LYS A 13 4.57 33.83 31.62
CA LYS A 13 5.55 32.82 31.22
C LYS A 13 5.00 32.01 30.04
N ILE A 14 4.06 31.11 30.31
CA ILE A 14 3.50 30.31 29.23
C ILE A 14 2.77 31.19 28.22
N TRP A 15 1.98 32.14 28.69
CA TRP A 15 1.27 33.01 27.76
C TRP A 15 2.20 34.04 27.10
N SER A 16 3.29 34.38 27.77
CA SER A 16 4.27 35.31 27.21
C SER A 16 4.99 34.54 26.11
N LEU A 17 5.28 33.28 26.40
CA LEU A 17 5.93 32.40 25.47
C LEU A 17 5.03 32.24 24.24
N ILE A 18 3.75 31.92 24.48
CA ILE A 18 2.78 31.76 23.41
C ILE A 18 2.81 32.93 22.44
N ARG A 19 2.84 34.15 23.00
CA ARG A 19 2.84 35.36 22.19
C ARG A 19 4.13 35.54 21.39
N ASP A 20 5.27 35.33 22.03
CA ASP A 20 6.54 35.46 21.31
C ASP A 20 6.54 34.53 20.11
N CYS A 21 6.17 33.27 20.35
CA CYS A 21 6.14 32.27 19.29
C CYS A 21 5.16 32.66 18.22
N SER A 22 4.00 33.15 18.63
CA SER A 22 3.01 33.57 17.65
C SER A 22 3.66 34.58 16.71
N GLY A 23 4.39 35.54 17.28
CA GLY A 23 5.06 36.54 16.46
C GLY A 23 6.04 35.94 15.48
N LYS A 24 6.76 34.91 15.91
CA LYS A 24 7.74 34.25 15.05
C LYS A 24 7.10 33.54 13.87
N LEU A 25 5.81 33.22 13.96
CA LEU A 25 5.13 32.51 12.89
C LEU A 25 4.32 33.36 11.94
N GLU A 26 4.01 34.60 12.30
CA GLU A 26 3.25 35.41 11.36
C GLU A 26 4.15 35.58 10.15
N GLY A 27 3.57 35.70 8.97
CA GLY A 27 4.38 35.81 7.78
C GLY A 27 4.49 34.41 7.20
N VAL A 28 4.01 33.44 7.97
CA VAL A 28 3.99 32.04 7.55
C VAL A 28 2.56 31.51 7.63
N THR A 29 1.74 32.15 8.46
CA THR A 29 0.37 31.72 8.68
C THR A 29 -0.48 32.79 9.38
N GLU A 30 -1.71 32.98 8.92
CA GLU A 30 -2.61 33.95 9.55
C GLU A 30 -3.08 33.45 10.90
N THR A 31 -3.07 32.14 11.08
CA THR A 31 -3.51 31.51 12.32
C THR A 31 -2.35 31.18 13.28
N SER A 32 -1.34 32.04 13.32
CA SER A 32 -0.18 31.83 14.18
C SER A 32 -0.50 31.50 15.64
N VAL A 33 -1.50 32.17 16.22
CA VAL A 33 -1.85 31.90 17.60
C VAL A 33 -2.34 30.47 17.80
N LEU A 34 -3.23 30.05 16.91
CA LEU A 34 -3.80 28.70 16.95
C LEU A 34 -2.69 27.65 16.84
N GLU A 35 -1.85 27.82 15.84
CA GLU A 35 -0.76 26.88 15.60
C GLU A 35 0.12 26.74 16.82
N VAL A 36 0.46 27.87 17.42
CA VAL A 36 1.30 27.84 18.61
C VAL A 36 0.59 27.08 19.74
N LEU A 37 -0.70 27.34 19.92
CA LEU A 37 -1.44 26.63 20.97
C LEU A 37 -1.37 25.12 20.75
N LEU A 38 -1.46 24.71 19.48
CA LEU A 38 -1.42 23.31 19.10
C LEU A 38 -0.04 22.72 19.34
N ILE A 39 0.99 23.45 18.95
CA ILE A 39 2.35 22.96 19.13
C ILE A 39 2.65 22.84 20.62
N VAL A 40 2.23 23.84 21.41
CA VAL A 40 2.45 23.82 22.85
C VAL A 40 1.73 22.68 23.58
N SER A 41 0.47 22.43 23.27
CA SER A 41 -0.23 21.35 23.97
C SER A 41 0.35 19.98 23.57
N ARG A 42 0.80 19.89 22.33
CA ARG A 42 1.41 18.67 21.82
C ARG A 42 2.69 18.34 22.57
N VAL A 43 3.51 19.36 22.86
CA VAL A 43 4.76 19.14 23.55
C VAL A 43 4.59 18.89 25.05
N LEU A 44 3.53 19.45 25.63
CA LEU A 44 3.29 19.26 27.06
C LEU A 44 2.51 17.99 27.29
N GLY A 45 2.02 17.39 26.20
CA GLY A 45 1.26 16.16 26.32
C GLY A 45 -0.10 16.35 26.97
N ILE A 46 -0.77 17.42 26.60
CA ILE A 46 -2.10 17.72 27.15
C ILE A 46 -3.03 18.12 26.01
N ARG A 47 -4.33 18.03 26.26
CA ARG A 47 -5.31 18.40 25.23
C ARG A 47 -5.40 19.92 25.22
N LYS A 48 -5.83 20.50 24.10
CA LYS A 48 -5.93 21.96 23.99
C LYS A 48 -6.61 22.60 25.20
N GLU A 49 -7.78 22.09 25.56
CA GLU A 49 -8.59 22.59 26.67
C GLU A 49 -7.81 22.85 27.96
N ASP A 50 -6.85 22.00 28.26
CA ASP A 50 -6.05 22.13 29.47
C ASP A 50 -5.02 23.24 29.45
N LEU A 51 -4.95 23.99 28.36
CA LEU A 51 -4.00 25.10 28.27
C LEU A 51 -4.42 26.20 29.25
N PHE A 52 -5.69 26.16 29.66
CA PHE A 52 -6.21 27.15 30.59
C PHE A 52 -6.04 26.79 32.07
N LEU A 53 -5.68 25.55 32.36
CA LEU A 53 -5.51 25.13 33.75
C LEU A 53 -4.60 26.07 34.53
N LYS A 54 -4.97 26.37 35.76
CA LYS A 54 -4.17 27.25 36.59
C LYS A 54 -2.92 26.48 36.99
N ASP A 55 -1.81 27.19 37.10
CA ASP A 55 -0.54 26.57 37.47
C ASP A 55 -0.06 25.49 36.48
N LEU A 56 -0.33 25.72 35.20
CA LEU A 56 0.10 24.79 34.14
C LEU A 56 1.54 25.21 33.87
N GLY A 57 2.47 24.27 34.03
CA GLY A 57 3.87 24.61 33.83
C GLY A 57 4.59 24.15 32.57
N VAL A 58 5.68 24.85 32.29
CA VAL A 58 6.54 24.56 31.15
C VAL A 58 7.97 24.52 31.68
N SER A 59 8.58 23.35 31.65
CA SER A 59 9.96 23.23 32.14
C SER A 59 10.86 23.86 31.10
N PRO A 60 12.14 24.05 31.43
CA PRO A 60 13.08 24.65 30.47
C PRO A 60 13.27 23.75 29.24
N THR A 61 13.07 22.45 29.42
CA THR A 61 13.21 21.49 28.34
C THR A 61 12.04 21.60 27.39
N GLU A 62 10.83 21.57 27.94
CA GLU A 62 9.61 21.69 27.16
C GLU A 62 9.58 23.02 26.42
N GLU A 63 10.14 24.04 27.06
CA GLU A 63 10.19 25.38 26.49
C GLU A 63 11.09 25.39 25.26
N LYS A 64 12.26 24.78 25.40
CA LYS A 64 13.23 24.71 24.30
C LYS A 64 12.67 23.88 23.15
N ARG A 65 11.96 22.81 23.49
CA ARG A 65 11.35 21.95 22.48
C ARG A 65 10.31 22.75 21.69
N ILE A 66 9.50 23.53 22.40
CA ILE A 66 8.48 24.36 21.77
C ILE A 66 9.14 25.37 20.84
N LEU A 67 10.22 25.98 21.30
CA LEU A 67 10.92 26.97 20.47
C LEU A 67 11.49 26.29 19.23
N GLU A 68 11.95 25.05 19.39
CA GLU A 68 12.51 24.33 18.26
C GLU A 68 11.43 23.98 17.25
N LEU A 69 10.27 23.50 17.72
CA LEU A 69 9.19 23.17 16.80
C LEU A 69 8.65 24.44 16.12
N VAL A 70 8.64 25.56 16.83
CA VAL A 70 8.17 26.81 16.25
C VAL A 70 9.17 27.27 15.17
N GLU A 71 10.47 27.12 15.45
CA GLU A 71 11.49 27.50 14.49
C GLU A 71 11.36 26.63 13.24
N LYS A 72 10.98 25.37 13.44
CA LYS A 72 10.79 24.41 12.34
C LYS A 72 9.60 24.86 11.49
N ARG A 73 8.47 25.08 12.14
CA ARG A 73 7.27 25.53 11.43
C ARG A 73 7.55 26.83 10.68
N ALA A 74 8.46 27.65 11.22
CA ALA A 74 8.79 28.93 10.59
C ALA A 74 9.47 28.79 9.24
N SER A 75 10.03 27.61 8.98
CA SER A 75 10.69 27.35 7.71
C SER A 75 9.68 26.97 6.64
N GLY A 76 8.42 26.81 7.03
CA GLY A 76 7.40 26.43 6.08
C GLY A 76 6.95 24.99 6.26
N TYR A 77 7.74 24.20 6.96
CA TYR A 77 7.39 22.80 7.21
C TYR A 77 5.93 22.76 7.68
N PRO A 78 5.14 21.82 7.15
CA PRO A 78 3.73 21.73 7.53
C PRO A 78 3.42 21.54 9.01
N LEU A 79 2.49 22.34 9.52
CA LEU A 79 2.09 22.24 10.91
C LEU A 79 1.67 20.81 11.23
N HIS A 80 0.84 20.23 10.37
CA HIS A 80 0.33 18.89 10.60
C HIS A 80 1.34 17.77 10.49
N TYR A 81 2.49 18.02 9.87
CA TYR A 81 3.51 16.99 9.84
C TYR A 81 4.13 17.04 11.23
N ILE A 82 4.19 18.24 11.81
CA ILE A 82 4.73 18.40 13.16
C ILE A 82 3.78 17.73 14.16
N LEU A 83 2.47 17.94 14.00
CA LEU A 83 1.49 17.36 14.90
C LEU A 83 1.27 15.86 14.69
N GLY A 84 1.55 15.38 13.47
CA GLY A 84 1.38 13.98 13.18
C GLY A 84 -0.06 13.61 12.86
N GLU A 85 -0.93 14.61 12.83
CA GLU A 85 -2.34 14.37 12.53
C GLU A 85 -3.09 15.61 12.07
N LYS A 86 -4.23 15.36 11.44
CA LYS A 86 -5.07 16.42 10.91
C LYS A 86 -6.51 15.99 11.19
N GLU A 87 -7.32 16.92 11.71
CA GLU A 87 -8.72 16.60 11.99
C GLU A 87 -9.47 16.80 10.67
N PHE A 88 -10.30 15.83 10.32
CA PHE A 88 -11.05 15.86 9.08
C PHE A 88 -12.39 15.17 9.35
N MET A 89 -13.49 15.89 9.11
CA MET A 89 -14.83 15.37 9.36
C MET A 89 -14.97 15.00 10.84
N GLY A 90 -14.21 15.68 11.70
CA GLY A 90 -14.27 15.38 13.12
C GLY A 90 -13.47 14.15 13.53
N LEU A 91 -12.74 13.55 12.59
CA LEU A 91 -11.92 12.37 12.90
C LEU A 91 -10.44 12.73 12.84
N SER A 92 -9.64 12.05 13.65
CA SER A 92 -8.21 12.30 13.68
C SER A 92 -7.46 11.42 12.69
N PHE A 93 -7.03 12.00 11.58
CA PHE A 93 -6.30 11.25 10.58
C PHE A 93 -4.80 11.37 10.79
N LEU A 94 -4.12 10.23 10.88
CA LEU A 94 -2.68 10.26 11.04
C LEU A 94 -2.10 10.73 9.70
N VAL A 95 -1.10 11.59 9.75
CA VAL A 95 -0.43 12.06 8.53
C VAL A 95 1.04 12.18 8.87
N GLU A 96 1.90 12.14 7.85
CA GLU A 96 3.34 12.27 8.04
C GLU A 96 3.94 12.55 6.67
N GLU A 97 5.24 12.82 6.63
CA GLU A 97 5.93 13.10 5.38
C GLU A 97 5.66 11.98 4.38
N GLY A 98 5.37 12.36 3.14
CA GLY A 98 5.07 11.37 2.12
C GLY A 98 3.57 11.20 1.90
N VAL A 99 2.77 11.92 2.70
CA VAL A 99 1.32 11.86 2.60
C VAL A 99 0.69 13.26 2.52
N PHE A 100 -0.23 13.42 1.60
CA PHE A 100 -0.91 14.68 1.42
C PHE A 100 -1.80 14.90 2.65
N VAL A 101 -1.83 16.14 3.16
CA VAL A 101 -2.62 16.50 4.32
C VAL A 101 -4.00 16.93 3.85
N PRO A 102 -5.06 16.29 4.38
CA PRO A 102 -6.45 16.60 4.01
C PRO A 102 -6.72 18.11 4.06
N ARG A 103 -7.51 18.60 3.11
CA ARG A 103 -7.85 20.01 3.02
C ARG A 103 -9.32 20.27 3.36
N PRO A 104 -9.62 21.46 3.89
CA PRO A 104 -11.00 21.82 4.26
C PRO A 104 -12.03 21.67 3.13
N GLU A 105 -11.65 22.01 1.90
CA GLU A 105 -12.59 21.90 0.79
C GLU A 105 -13.00 20.46 0.52
N THR A 106 -12.11 19.52 0.80
CA THR A 106 -12.43 18.12 0.55
C THR A 106 -13.49 17.61 1.52
N GLU A 107 -13.67 18.28 2.64
CA GLU A 107 -14.69 17.89 3.62
C GLU A 107 -16.05 18.10 2.97
N GLU A 108 -16.17 19.16 2.20
CA GLU A 108 -17.41 19.45 1.53
C GLU A 108 -17.73 18.39 0.47
N LEU A 109 -16.69 17.79 -0.11
CA LEU A 109 -16.91 16.76 -1.10
C LEU A 109 -17.49 15.53 -0.43
N VAL A 110 -16.99 15.22 0.77
CA VAL A 110 -17.45 14.06 1.52
C VAL A 110 -18.90 14.24 2.00
N GLU A 111 -19.25 15.44 2.41
CA GLU A 111 -20.61 15.69 2.86
C GLU A 111 -21.61 15.55 1.73
N LEU A 112 -21.19 15.89 0.51
CA LEU A 112 -22.02 15.75 -0.67
C LEU A 112 -22.11 14.25 -0.98
N ALA A 113 -20.99 13.56 -0.86
CA ALA A 113 -20.96 12.12 -1.13
C ALA A 113 -21.91 11.38 -0.20
N LEU A 114 -21.90 11.78 1.08
CA LEU A 114 -22.77 11.14 2.06
C LEU A 114 -24.23 11.41 1.76
N GLU A 115 -24.54 12.64 1.36
CA GLU A 115 -25.92 12.99 1.03
C GLU A 115 -26.38 12.14 -0.16
N LEU A 116 -25.49 11.94 -1.14
CA LEU A 116 -25.80 11.14 -2.31
C LEU A 116 -25.94 9.67 -1.96
N ILE A 117 -25.12 9.20 -1.03
CA ILE A 117 -25.19 7.81 -0.61
C ILE A 117 -26.52 7.55 0.07
N ARG A 118 -26.95 8.49 0.92
CA ARG A 118 -28.22 8.37 1.62
C ARG A 118 -29.34 8.35 0.59
N LYS A 119 -29.33 9.34 -0.29
CA LYS A 119 -30.35 9.50 -1.32
C LYS A 119 -30.59 8.31 -2.26
N TYR A 120 -29.52 7.68 -2.74
CA TYR A 120 -29.66 6.57 -3.67
C TYR A 120 -29.41 5.18 -3.09
N GLY A 121 -29.25 5.10 -1.76
CA GLY A 121 -29.00 3.82 -1.13
C GLY A 121 -27.83 3.10 -1.79
N ILE A 122 -26.73 3.84 -1.98
CA ILE A 122 -25.52 3.31 -2.59
C ILE A 122 -24.79 2.42 -1.61
N LYS A 123 -24.22 1.32 -2.10
CA LYS A 123 -23.55 0.37 -1.22
C LYS A 123 -22.06 0.19 -1.46
N THR A 124 -21.61 0.48 -2.68
CA THR A 124 -20.19 0.33 -3.03
C THR A 124 -19.62 1.64 -3.57
N VAL A 125 -18.54 2.10 -2.94
CA VAL A 125 -17.91 3.36 -3.35
C VAL A 125 -16.43 3.16 -3.62
N ALA A 126 -15.88 4.01 -4.48
CA ALA A 126 -14.46 3.95 -4.78
C ALA A 126 -13.84 5.29 -4.43
N ASP A 127 -12.58 5.27 -3.98
CA ASP A 127 -11.84 6.47 -3.61
C ASP A 127 -10.46 6.37 -4.25
N ILE A 128 -10.30 7.02 -5.39
CA ILE A 128 -9.03 7.00 -6.11
C ILE A 128 -8.11 8.09 -5.57
N GLY A 129 -6.87 7.72 -5.26
CA GLY A 129 -5.92 8.68 -4.70
C GLY A 129 -6.34 8.95 -3.26
N THR A 130 -6.51 7.86 -2.50
CA THR A 130 -6.96 7.94 -1.11
C THR A 130 -6.05 8.71 -0.16
N GLY A 131 -4.77 8.81 -0.48
CA GLY A 131 -3.86 9.52 0.39
C GLY A 131 -3.88 8.97 1.81
N SER A 132 -4.28 9.80 2.76
CA SER A 132 -4.35 9.40 4.17
C SER A 132 -5.58 8.55 4.44
N GLY A 133 -6.52 8.59 3.50
CA GLY A 133 -7.76 7.85 3.64
C GLY A 133 -8.93 8.77 3.99
N ALA A 134 -8.67 10.07 4.03
CA ALA A 134 -9.68 11.07 4.38
C ALA A 134 -11.08 10.86 3.78
N ILE A 135 -11.16 10.81 2.46
CA ILE A 135 -12.46 10.62 1.83
C ILE A 135 -13.01 9.22 2.09
N GLY A 136 -12.28 8.20 1.63
CA GLY A 136 -12.72 6.83 1.81
C GLY A 136 -13.07 6.40 3.22
N VAL A 137 -12.16 6.64 4.16
CA VAL A 137 -12.38 6.24 5.54
C VAL A 137 -13.58 6.94 6.17
N SER A 138 -13.75 8.23 5.87
CA SER A 138 -14.89 8.98 6.40
C SER A 138 -16.21 8.44 5.85
N VAL A 139 -16.23 8.14 4.55
CA VAL A 139 -17.43 7.60 3.94
C VAL A 139 -17.81 6.29 4.61
N ALA A 140 -16.81 5.44 4.83
CA ALA A 140 -17.06 4.16 5.47
C ALA A 140 -17.49 4.38 6.93
N LYS A 141 -17.04 5.48 7.52
CA LYS A 141 -17.35 5.79 8.89
C LYS A 141 -18.77 6.30 9.16
N PHE A 142 -19.28 7.13 8.25
CA PHE A 142 -20.61 7.70 8.42
C PHE A 142 -21.69 7.15 7.50
N SER A 143 -21.50 5.95 7.00
CA SER A 143 -22.47 5.31 6.12
C SER A 143 -22.23 3.81 6.23
N ASP A 144 -22.97 3.02 5.46
CA ASP A 144 -22.81 1.56 5.51
C ASP A 144 -22.14 1.04 4.26
N ALA A 145 -21.65 1.95 3.43
CA ALA A 145 -21.00 1.58 2.19
C ALA A 145 -19.66 0.91 2.40
N ILE A 146 -19.25 0.10 1.43
CA ILE A 146 -17.94 -0.51 1.50
C ILE A 146 -17.12 0.35 0.54
N VAL A 147 -15.85 0.53 0.86
CA VAL A 147 -15.02 1.38 0.02
C VAL A 147 -13.79 0.68 -0.51
N PHE A 148 -13.55 0.86 -1.80
CA PHE A 148 -12.37 0.31 -2.47
C PHE A 148 -11.49 1.51 -2.77
N ALA A 149 -10.32 1.58 -2.15
CA ALA A 149 -9.43 2.72 -2.36
C ALA A 149 -8.10 2.36 -2.97
N THR A 150 -7.53 3.31 -3.69
CA THR A 150 -6.24 3.07 -4.34
C THR A 150 -5.32 4.27 -4.24
N ASP A 151 -4.04 4.01 -4.38
CA ASP A 151 -3.06 5.08 -4.41
C ASP A 151 -1.79 4.52 -5.04
N VAL A 152 -1.10 5.37 -5.79
CA VAL A 152 0.14 4.94 -6.45
C VAL A 152 1.26 4.92 -5.41
N SER A 153 1.04 5.63 -4.30
CA SER A 153 2.03 5.72 -3.23
C SER A 153 1.93 4.65 -2.17
N SER A 154 3.02 3.89 -2.05
CA SER A 154 3.13 2.83 -1.08
C SER A 154 2.86 3.40 0.32
N LYS A 155 3.45 4.56 0.59
CA LYS A 155 3.30 5.21 1.88
C LYS A 155 1.86 5.65 2.17
N ALA A 156 1.11 6.01 1.12
CA ALA A 156 -0.27 6.43 1.34
C ALA A 156 -1.12 5.22 1.70
N VAL A 157 -0.86 4.12 1.01
CA VAL A 157 -1.59 2.90 1.26
C VAL A 157 -1.41 2.43 2.70
N GLU A 158 -0.17 2.41 3.18
CA GLU A 158 0.07 1.94 4.54
C GLU A 158 -0.57 2.89 5.54
N ILE A 159 -0.52 4.18 5.28
CA ILE A 159 -1.12 5.15 6.19
C ILE A 159 -2.65 5.09 6.16
N ALA A 160 -3.22 4.93 4.96
CA ALA A 160 -4.67 4.84 4.84
C ALA A 160 -5.17 3.59 5.58
N ARG A 161 -4.38 2.52 5.55
CA ARG A 161 -4.76 1.30 6.26
C ARG A 161 -4.81 1.58 7.77
N LYS A 162 -3.76 2.19 8.29
CA LYS A 162 -3.71 2.52 9.71
C LYS A 162 -4.90 3.39 10.09
N ASN A 163 -5.21 4.39 9.26
CA ASN A 163 -6.32 5.27 9.57
C ASN A 163 -7.67 4.57 9.54
N ALA A 164 -7.81 3.60 8.63
CA ALA A 164 -9.05 2.84 8.54
C ALA A 164 -9.21 1.99 9.80
N GLU A 165 -8.11 1.37 10.23
CA GLU A 165 -8.12 0.55 11.44
C GLU A 165 -8.34 1.45 12.65
N ARG A 166 -7.73 2.63 12.63
CA ARG A 166 -7.85 3.57 13.73
C ARG A 166 -9.30 3.94 14.03
N HIS A 167 -10.14 4.01 13.01
CA HIS A 167 -11.53 4.39 13.21
C HIS A 167 -12.52 3.22 13.10
N GLY A 168 -12.00 2.01 13.20
CA GLY A 168 -12.82 0.82 13.16
C GLY A 168 -13.62 0.57 11.89
N VAL A 169 -12.99 0.70 10.73
CA VAL A 169 -13.69 0.47 9.49
C VAL A 169 -12.86 -0.39 8.54
N SER A 170 -11.90 -1.14 9.08
CA SER A 170 -11.05 -2.00 8.27
C SER A 170 -11.85 -3.09 7.57
N ASP A 171 -13.01 -3.39 8.12
CA ASP A 171 -13.87 -4.43 7.55
C ASP A 171 -14.66 -3.90 6.37
N ARG A 172 -14.66 -2.58 6.18
CA ARG A 172 -15.40 -1.99 5.06
C ARG A 172 -14.60 -1.01 4.20
N PHE A 173 -13.29 -0.96 4.42
CA PHE A 173 -12.40 -0.07 3.69
C PHE A 173 -11.21 -0.90 3.24
N PHE A 174 -11.06 -1.08 1.94
CA PHE A 174 -9.95 -1.86 1.40
C PHE A 174 -9.11 -0.99 0.48
N VAL A 175 -7.79 -0.97 0.68
CA VAL A 175 -6.93 -0.16 -0.15
C VAL A 175 -5.81 -0.99 -0.79
N ARG A 176 -5.53 -0.72 -2.05
CA ARG A 176 -4.49 -1.43 -2.78
C ARG A 176 -3.63 -0.42 -3.52
N LYS A 177 -2.35 -0.74 -3.68
CA LYS A 177 -1.44 0.14 -4.38
C LYS A 177 -1.70 0.04 -5.88
N GLY A 178 -1.57 1.15 -6.59
CA GLY A 178 -1.81 1.13 -8.02
C GLY A 178 -2.50 2.39 -8.48
N GLU A 179 -2.71 2.52 -9.79
CA GLU A 179 -3.37 3.71 -10.30
C GLU A 179 -4.83 3.55 -10.69
N PHE A 180 -5.57 4.65 -10.56
CA PHE A 180 -6.99 4.69 -10.86
C PHE A 180 -7.66 3.50 -10.19
N LEU A 181 -8.28 2.63 -10.96
CA LEU A 181 -8.95 1.47 -10.39
C LEU A 181 -8.36 0.13 -10.86
N GLU A 182 -7.18 0.18 -11.47
CA GLU A 182 -6.52 -1.03 -11.95
C GLU A 182 -6.40 -2.14 -10.91
N PRO A 183 -6.08 -1.81 -9.66
CA PRO A 183 -5.96 -2.85 -8.63
C PRO A 183 -7.28 -3.53 -8.29
N PHE A 184 -8.40 -2.93 -8.71
CA PHE A 184 -9.72 -3.47 -8.42
C PHE A 184 -10.54 -3.80 -9.68
N LYS A 185 -9.89 -4.27 -10.73
CA LYS A 185 -10.59 -4.60 -11.98
C LYS A 185 -11.81 -5.49 -11.78
N GLU A 186 -11.68 -6.48 -10.91
CA GLU A 186 -12.78 -7.42 -10.65
C GLU A 186 -13.97 -6.78 -9.93
N LYS A 187 -13.78 -5.59 -9.38
CA LYS A 187 -14.85 -4.92 -8.66
C LYS A 187 -15.43 -3.78 -9.44
N PHE A 188 -14.77 -3.42 -10.53
CA PHE A 188 -15.25 -2.27 -11.30
C PHE A 188 -16.75 -2.24 -11.57
N ALA A 189 -17.27 -3.30 -12.18
CA ALA A 189 -18.70 -3.34 -12.49
C ALA A 189 -19.56 -3.09 -11.27
N SER A 190 -19.15 -3.63 -10.13
CA SER A 190 -19.91 -3.49 -8.89
C SER A 190 -19.87 -2.11 -8.20
N ILE A 191 -18.97 -1.23 -8.63
CA ILE A 191 -18.85 0.09 -8.00
C ILE A 191 -19.90 1.09 -8.49
N GLU A 192 -20.69 1.60 -7.55
CA GLU A 192 -21.78 2.55 -7.83
C GLU A 192 -21.38 4.02 -7.83
N MET A 193 -20.35 4.37 -7.06
CA MET A 193 -19.90 5.76 -6.98
C MET A 193 -18.39 5.83 -6.88
N ILE A 194 -17.81 6.70 -7.71
CA ILE A 194 -16.37 6.90 -7.74
C ILE A 194 -16.04 8.31 -7.27
N LEU A 195 -15.34 8.39 -6.14
CA LEU A 195 -14.94 9.67 -5.55
C LEU A 195 -13.46 9.88 -5.73
N SER A 196 -13.04 11.13 -5.62
CA SER A 196 -11.63 11.48 -5.75
C SER A 196 -11.28 12.94 -5.64
N ASN A 197 -10.14 13.20 -5.01
CA ASN A 197 -9.58 14.54 -4.92
C ASN A 197 -8.19 14.25 -5.49
N PRO A 198 -8.08 14.25 -6.81
CA PRO A 198 -6.83 13.98 -7.53
C PRO A 198 -5.89 15.15 -7.63
N PRO A 199 -4.70 14.91 -8.15
CA PRO A 199 -3.73 16.00 -8.30
C PRO A 199 -4.25 16.84 -9.47
N TYR A 200 -4.49 18.13 -9.27
CA TYR A 200 -4.98 18.96 -10.37
C TYR A 200 -4.28 20.32 -10.46
N VAL A 201 -3.04 20.38 -9.98
CA VAL A 201 -2.25 21.59 -10.01
C VAL A 201 -1.42 21.58 -11.31
N LYS A 202 -1.28 22.75 -11.93
CA LYS A 202 -0.51 22.86 -13.17
C LYS A 202 0.98 22.72 -12.88
N SER A 203 1.70 22.05 -13.77
CA SER A 203 3.13 21.84 -13.63
C SER A 203 3.85 23.15 -13.33
N SER A 204 3.40 24.22 -13.97
CA SER A 204 3.99 25.54 -13.81
C SER A 204 3.54 26.35 -12.59
N ALA A 205 2.58 25.83 -11.83
CA ALA A 205 2.10 26.54 -10.65
C ALA A 205 3.19 26.68 -9.59
N HIS A 206 3.21 27.82 -8.92
CA HIS A 206 4.19 28.09 -7.87
C HIS A 206 3.74 27.43 -6.58
N LEU A 207 4.62 26.65 -5.97
CA LEU A 207 4.30 25.98 -4.72
C LEU A 207 4.64 26.82 -3.50
N PRO A 208 3.69 26.99 -2.57
CA PRO A 208 3.91 27.77 -1.35
C PRO A 208 4.90 26.98 -0.50
N LYS A 209 5.59 27.65 0.41
CA LYS A 209 6.57 26.98 1.26
C LYS A 209 6.13 25.67 1.88
N ASP A 210 4.92 25.61 2.42
CA ASP A 210 4.47 24.38 3.07
C ASP A 210 4.13 23.22 2.13
N VAL A 211 3.49 23.50 0.99
CA VAL A 211 3.16 22.39 0.07
C VAL A 211 4.43 21.85 -0.59
N LEU A 212 5.53 22.57 -0.39
CA LEU A 212 6.81 22.17 -0.94
C LEU A 212 7.23 20.86 -0.27
N PHE A 213 6.71 20.63 0.93
CA PHE A 213 7.00 19.43 1.70
C PHE A 213 6.04 18.27 1.49
N GLU A 214 5.06 18.44 0.62
CA GLU A 214 4.12 17.35 0.40
C GLU A 214 4.52 16.55 -0.84
N PRO A 215 3.98 15.33 -0.99
CA PRO A 215 4.34 14.52 -2.15
C PRO A 215 3.97 15.22 -3.45
N PRO A 216 4.96 15.40 -4.35
CA PRO A 216 4.64 16.07 -5.62
C PRO A 216 3.65 15.27 -6.48
N GLU A 217 3.65 13.93 -6.35
CA GLU A 217 2.73 13.11 -7.13
C GLU A 217 1.29 13.36 -6.70
N ALA A 218 1.13 14.04 -5.58
CA ALA A 218 -0.19 14.32 -5.05
C ALA A 218 -0.70 15.66 -5.55
N LEU A 219 0.19 16.41 -6.18
CA LEU A 219 -0.16 17.74 -6.67
C LEU A 219 -0.33 17.96 -8.16
N PHE A 220 0.71 17.65 -8.93
CA PHE A 220 0.71 17.91 -10.37
C PHE A 220 -0.08 17.05 -11.33
N GLY A 221 -0.84 17.72 -12.19
CA GLY A 221 -1.63 17.04 -13.20
C GLY A 221 -1.23 17.44 -14.62
N GLY A 222 0.07 17.64 -14.85
CA GLY A 222 0.56 18.03 -16.17
C GLY A 222 0.45 19.51 -16.50
N GLU A 223 0.71 19.86 -17.76
CA GLU A 223 0.64 21.26 -18.23
C GLU A 223 -0.69 21.89 -17.87
N ASP A 224 -1.75 21.13 -18.11
CA ASP A 224 -3.13 21.51 -17.87
C ASP A 224 -3.49 21.47 -16.41
N GLY A 225 -3.08 20.38 -15.78
CA GLY A 225 -3.41 20.14 -14.39
C GLY A 225 -4.64 19.27 -14.53
N LEU A 226 -4.87 18.76 -15.74
CA LEU A 226 -6.01 17.91 -16.05
C LEU A 226 -5.68 16.51 -16.53
N ASP A 227 -4.41 16.12 -16.47
CA ASP A 227 -4.02 14.79 -16.93
C ASP A 227 -4.76 13.63 -16.26
N PHE A 228 -5.06 13.76 -14.97
CA PHE A 228 -5.77 12.70 -14.26
C PHE A 228 -7.17 12.54 -14.83
N TYR A 229 -7.88 13.65 -15.01
CA TYR A 229 -9.24 13.61 -15.55
C TYR A 229 -9.27 13.03 -16.97
N ARG A 230 -8.38 13.52 -17.82
CA ARG A 230 -8.31 13.05 -19.20
C ARG A 230 -8.11 11.54 -19.26
N GLU A 231 -7.08 11.05 -18.58
CA GLU A 231 -6.80 9.62 -18.59
C GLU A 231 -7.90 8.78 -17.93
N PHE A 232 -8.47 9.26 -16.83
CA PHE A 232 -9.53 8.50 -16.16
C PHE A 232 -10.78 8.38 -17.03
N PHE A 233 -11.31 9.52 -17.46
CA PHE A 233 -12.51 9.53 -18.28
C PHE A 233 -12.28 8.95 -19.65
N GLY A 234 -11.04 8.95 -20.09
CA GLY A 234 -10.72 8.38 -21.39
C GLY A 234 -10.66 6.87 -21.32
N ARG A 235 -10.26 6.33 -20.17
CA ARG A 235 -10.12 4.88 -20.01
C ARG A 235 -11.31 4.13 -19.42
N TYR A 236 -12.17 4.79 -18.65
CA TYR A 236 -13.28 4.10 -18.02
C TYR A 236 -14.67 4.44 -18.52
N ASP A 237 -15.57 3.47 -18.37
CA ASP A 237 -16.96 3.64 -18.77
C ASP A 237 -17.75 3.95 -17.51
N THR A 238 -18.17 5.20 -17.38
CA THR A 238 -18.92 5.65 -16.22
C THR A 238 -20.40 5.27 -16.25
N SER A 239 -20.77 4.43 -17.19
CA SER A 239 -22.16 3.99 -17.34
C SER A 239 -22.74 3.41 -16.06
N GLY A 240 -23.92 3.90 -15.69
CA GLY A 240 -24.59 3.42 -14.49
C GLY A 240 -24.02 3.91 -13.18
N LYS A 241 -22.93 4.68 -13.23
CA LYS A 241 -22.30 5.15 -12.00
C LYS A 241 -22.43 6.66 -11.76
N ILE A 242 -21.96 7.07 -10.59
CA ILE A 242 -21.95 8.48 -10.19
C ILE A 242 -20.48 8.80 -9.92
N VAL A 243 -19.98 9.90 -10.47
CA VAL A 243 -18.60 10.30 -10.26
C VAL A 243 -18.55 11.70 -9.67
N LEU A 244 -17.94 11.82 -8.49
CA LEU A 244 -17.81 13.09 -7.79
C LEU A 244 -16.34 13.35 -7.51
N MET A 245 -15.78 14.38 -8.13
CA MET A 245 -14.36 14.70 -7.97
C MET A 245 -14.10 16.16 -7.71
N GLU A 246 -13.08 16.44 -6.91
CA GLU A 246 -12.68 17.82 -6.61
C GLU A 246 -11.89 18.34 -7.83
N ILE A 247 -12.01 19.63 -8.14
CA ILE A 247 -11.31 20.23 -9.29
C ILE A 247 -10.74 21.60 -8.94
N GLY A 248 -9.96 22.16 -9.86
CA GLY A 248 -9.37 23.47 -9.66
C GLY A 248 -10.31 24.58 -10.09
N GLU A 249 -10.31 25.69 -9.36
CA GLU A 249 -11.17 26.85 -9.62
C GLU A 249 -11.49 27.16 -11.09
N ASP A 250 -10.45 27.19 -11.92
CA ASP A 250 -10.62 27.55 -13.33
C ASP A 250 -10.57 26.41 -14.36
N GLN A 251 -11.04 25.23 -14.00
CA GLN A 251 -11.00 24.12 -14.94
C GLN A 251 -12.35 23.69 -15.49
N VAL A 252 -13.41 24.37 -15.07
CA VAL A 252 -14.76 24.00 -15.52
C VAL A 252 -14.89 23.92 -17.04
N GLU A 253 -14.57 25.01 -17.72
CA GLU A 253 -14.70 25.02 -19.17
C GLU A 253 -13.92 23.91 -19.85
N GLU A 254 -12.68 23.70 -19.44
CA GLU A 254 -11.86 22.66 -20.04
C GLU A 254 -12.37 21.28 -19.69
N LEU A 255 -12.88 21.13 -18.48
CA LEU A 255 -13.40 19.84 -18.05
C LEU A 255 -14.64 19.46 -18.87
N LYS A 256 -15.50 20.42 -19.17
CA LYS A 256 -16.69 20.14 -19.96
C LYS A 256 -16.35 19.51 -21.30
N LYS A 257 -15.12 19.69 -21.77
CA LYS A 257 -14.71 19.12 -23.04
C LYS A 257 -14.10 17.72 -22.88
N ILE A 258 -13.89 17.32 -21.64
CA ILE A 258 -13.32 16.02 -21.33
C ILE A 258 -14.43 15.02 -20.98
N VAL A 259 -15.44 15.49 -20.27
CA VAL A 259 -16.57 14.66 -19.91
C VAL A 259 -17.87 15.46 -20.03
N SER A 260 -18.81 14.95 -20.81
CA SER A 260 -20.08 15.61 -21.05
C SER A 260 -21.16 15.32 -20.01
N ASP A 261 -22.23 16.12 -20.05
CA ASP A 261 -23.36 15.99 -19.13
C ASP A 261 -22.96 16.15 -17.67
N THR A 262 -21.86 16.85 -17.42
CA THR A 262 -21.38 17.04 -16.06
C THR A 262 -21.88 18.34 -15.42
N VAL A 263 -22.04 18.30 -14.11
CA VAL A 263 -22.52 19.44 -13.34
C VAL A 263 -21.36 19.95 -12.45
N PHE A 264 -21.31 21.25 -12.25
CA PHE A 264 -20.24 21.83 -11.44
C PHE A 264 -20.76 22.62 -10.26
N LEU A 265 -20.34 22.22 -9.06
CA LEU A 265 -20.75 22.85 -7.82
C LEU A 265 -19.58 23.60 -7.20
N LYS A 266 -19.88 24.66 -6.44
CA LYS A 266 -18.82 25.44 -5.82
C LYS A 266 -18.74 25.35 -4.29
N ASP A 267 -17.59 25.78 -3.78
CA ASP A 267 -17.28 25.79 -2.36
C ASP A 267 -18.29 26.57 -1.55
N SER A 268 -17.90 26.80 -0.30
CA SER A 268 -18.67 27.58 0.63
C SER A 268 -17.92 28.91 0.47
N ALA A 269 -16.85 28.86 -0.32
CA ALA A 269 -16.03 30.03 -0.61
C ALA A 269 -16.38 30.57 -1.99
N GLY A 270 -17.47 30.04 -2.56
CA GLY A 270 -17.92 30.51 -3.85
C GLY A 270 -17.10 30.18 -5.08
N LYS A 271 -16.11 29.31 -4.94
CA LYS A 271 -15.29 28.92 -6.08
C LYS A 271 -15.67 27.53 -6.59
N TYR A 272 -15.57 27.31 -7.90
CA TYR A 272 -15.90 26.00 -8.44
C TYR A 272 -14.93 25.01 -7.84
N ARG A 273 -15.47 23.94 -7.25
CA ARG A 273 -14.63 22.96 -6.58
C ARG A 273 -14.97 21.50 -6.84
N PHE A 274 -16.14 21.23 -7.41
CA PHE A 274 -16.52 19.83 -7.62
C PHE A 274 -17.22 19.53 -8.92
N LEU A 275 -16.86 18.41 -9.55
CA LEU A 275 -17.52 17.99 -10.77
C LEU A 275 -18.36 16.79 -10.38
N LEU A 276 -19.59 16.76 -10.84
CA LEU A 276 -20.52 15.68 -10.53
C LEU A 276 -21.15 15.11 -11.80
N LEU A 277 -20.92 13.82 -12.04
CA LEU A 277 -21.45 13.13 -13.20
C LEU A 277 -22.37 12.06 -12.66
N ASN A 278 -23.65 12.16 -12.98
CA ASN A 278 -24.64 11.18 -12.52
C ASN A 278 -25.18 10.41 -13.71
N ARG A 279 -24.66 9.20 -13.92
CA ARG A 279 -25.13 8.36 -15.02
C ARG A 279 -25.83 7.14 -14.43
N ARG A 280 -26.45 7.34 -13.28
CA ARG A 280 -27.19 6.30 -12.58
C ARG A 280 -28.64 6.42 -13.06
N SER A 281 -28.91 5.95 -14.28
CA SER A 281 -30.26 6.03 -14.84
C SER A 281 -31.21 4.99 -14.25
N SER B 8 -51.27 -1.99 -15.08
CA SER B 8 -52.19 -3.13 -15.27
C SER B 8 -52.52 -3.29 -16.76
N GLY B 9 -52.78 -4.52 -17.20
CA GLY B 9 -53.12 -4.75 -18.60
C GLY B 9 -52.28 -5.83 -19.26
N ALA B 10 -51.11 -5.44 -19.75
CA ALA B 10 -50.19 -6.38 -20.39
C ALA B 10 -49.31 -6.98 -19.30
N GLU B 11 -49.10 -6.23 -18.23
CA GLU B 11 -48.30 -6.73 -17.12
C GLU B 11 -49.04 -7.79 -16.32
N ARG B 12 -50.35 -7.90 -16.52
CA ARG B 12 -51.14 -8.91 -15.83
C ARG B 12 -50.85 -10.25 -16.52
N LYS B 13 -50.65 -10.19 -17.84
CA LYS B 13 -50.37 -11.36 -18.66
C LYS B 13 -49.03 -12.01 -18.33
N ILE B 14 -47.97 -11.22 -18.46
CA ILE B 14 -46.61 -11.70 -18.22
C ILE B 14 -46.33 -12.11 -16.78
N TRP B 15 -46.78 -11.32 -15.81
CA TRP B 15 -46.52 -11.66 -14.42
C TRP B 15 -47.33 -12.83 -13.92
N SER B 16 -48.47 -13.08 -14.54
CA SER B 16 -49.30 -14.19 -14.15
C SER B 16 -48.65 -15.45 -14.71
N LEU B 17 -48.07 -15.32 -15.90
CA LEU B 17 -47.37 -16.44 -16.54
C LEU B 17 -46.17 -16.82 -15.68
N ILE B 18 -45.36 -15.83 -15.33
CA ILE B 18 -44.17 -16.00 -14.51
C ILE B 18 -44.47 -16.77 -13.22
N ARG B 19 -45.61 -16.47 -12.59
CA ARG B 19 -45.98 -17.14 -11.35
C ARG B 19 -46.38 -18.59 -11.59
N ASP B 20 -47.12 -18.83 -12.67
CA ASP B 20 -47.56 -20.20 -13.01
C ASP B 20 -46.33 -21.06 -13.28
N CYS B 21 -45.40 -20.52 -14.06
CA CYS B 21 -44.17 -21.23 -14.39
C CYS B 21 -43.38 -21.52 -13.13
N SER B 22 -43.21 -20.52 -12.28
CA SER B 22 -42.47 -20.72 -11.04
C SER B 22 -43.04 -21.92 -10.29
N GLY B 23 -44.36 -22.10 -10.37
CA GLY B 23 -44.99 -23.22 -9.70
C GLY B 23 -44.49 -24.55 -10.25
N LYS B 24 -44.40 -24.66 -11.57
CA LYS B 24 -43.95 -25.88 -12.21
C LYS B 24 -42.48 -26.22 -11.86
N LEU B 25 -41.73 -25.25 -11.36
CA LEU B 25 -40.33 -25.50 -11.03
C LEU B 25 -40.04 -25.71 -9.54
N GLU B 26 -41.07 -25.63 -8.70
CA GLU B 26 -40.92 -25.84 -7.26
C GLU B 26 -40.76 -27.35 -7.10
N GLY B 27 -39.54 -27.81 -6.86
CA GLY B 27 -39.34 -29.24 -6.75
C GLY B 27 -38.10 -29.59 -7.55
N VAL B 28 -37.64 -28.61 -8.31
CA VAL B 28 -36.44 -28.74 -9.11
C VAL B 28 -35.43 -27.74 -8.55
N THR B 29 -35.95 -26.67 -7.96
CA THR B 29 -35.10 -25.60 -7.43
C THR B 29 -35.80 -24.75 -6.37
N GLU B 30 -35.01 -24.11 -5.52
CA GLU B 30 -35.53 -23.23 -4.47
C GLU B 30 -35.73 -21.85 -5.06
N THR B 31 -34.93 -21.52 -6.06
CA THR B 31 -35.00 -20.22 -6.71
C THR B 31 -35.84 -20.24 -7.98
N SER B 32 -36.97 -20.94 -7.93
CA SER B 32 -37.84 -21.06 -9.09
C SER B 32 -38.24 -19.71 -9.72
N VAL B 33 -38.52 -18.73 -8.87
CA VAL B 33 -38.91 -17.42 -9.38
C VAL B 33 -37.81 -16.80 -10.23
N LEU B 34 -36.60 -16.74 -9.68
CA LEU B 34 -35.45 -16.18 -10.39
C LEU B 34 -35.25 -16.87 -11.74
N GLU B 35 -35.21 -18.21 -11.71
CA GLU B 35 -35.02 -18.99 -12.92
C GLU B 35 -36.04 -18.66 -14.00
N VAL B 36 -37.32 -18.61 -13.62
CA VAL B 36 -38.37 -18.28 -14.58
C VAL B 36 -38.08 -16.90 -15.19
N LEU B 37 -37.67 -15.95 -14.35
CA LEU B 37 -37.37 -14.60 -14.84
C LEU B 37 -36.23 -14.63 -15.87
N LEU B 38 -35.22 -15.44 -15.59
CA LEU B 38 -34.08 -15.57 -16.49
C LEU B 38 -34.51 -16.23 -17.79
N ILE B 39 -35.39 -17.22 -17.72
CA ILE B 39 -35.87 -17.91 -18.92
C ILE B 39 -36.71 -16.96 -19.76
N VAL B 40 -37.55 -16.16 -19.10
CA VAL B 40 -38.38 -15.20 -19.81
C VAL B 40 -37.50 -14.15 -20.49
N SER B 41 -36.46 -13.69 -19.80
CA SER B 41 -35.55 -12.69 -20.36
C SER B 41 -34.95 -13.24 -21.64
N ARG B 42 -34.45 -14.46 -21.55
CA ARG B 42 -33.83 -15.15 -22.66
C ARG B 42 -34.74 -15.22 -23.89
N VAL B 43 -35.94 -15.78 -23.72
CA VAL B 43 -36.87 -15.91 -24.82
C VAL B 43 -37.31 -14.59 -25.45
N LEU B 44 -37.43 -13.53 -24.65
CA LEU B 44 -37.84 -12.23 -25.18
C LEU B 44 -36.67 -11.45 -25.77
N GLY B 45 -35.46 -11.91 -25.46
CA GLY B 45 -34.28 -11.24 -25.97
C GLY B 45 -33.99 -9.91 -25.29
N ILE B 46 -34.11 -9.87 -23.97
CA ILE B 46 -33.86 -8.64 -23.22
C ILE B 46 -33.01 -8.94 -22.00
N ARG B 47 -32.61 -7.89 -21.28
CA ARG B 47 -31.80 -8.04 -20.08
C ARG B 47 -32.77 -8.39 -18.94
N LYS B 48 -32.25 -8.89 -17.83
CA LYS B 48 -33.09 -9.21 -16.68
C LYS B 48 -33.75 -7.90 -16.24
N GLU B 49 -32.92 -6.86 -16.18
CA GLU B 49 -33.33 -5.51 -15.78
C GLU B 49 -34.56 -4.96 -16.48
N ASP B 50 -34.73 -5.28 -17.75
CA ASP B 50 -35.86 -4.75 -18.50
C ASP B 50 -37.20 -5.45 -18.29
N LEU B 51 -37.23 -6.47 -17.44
CA LEU B 51 -38.48 -7.18 -17.17
C LEU B 51 -39.55 -6.24 -16.62
N PHE B 52 -39.15 -5.03 -16.25
CA PHE B 52 -40.08 -4.06 -15.71
C PHE B 52 -40.60 -3.11 -16.79
N LEU B 53 -39.70 -2.30 -17.35
CA LEU B 53 -40.09 -1.35 -18.41
C LEU B 53 -41.48 -0.76 -18.21
N LYS B 54 -42.39 -1.10 -19.10
CA LYS B 54 -43.77 -0.61 -19.03
C LYS B 54 -44.67 -1.60 -19.73
N ASP B 55 -44.79 -1.46 -21.04
CA ASP B 55 -45.62 -2.38 -21.81
C ASP B 55 -44.94 -3.74 -21.75
N LEU B 56 -43.96 -3.95 -22.62
CA LEU B 56 -43.22 -5.21 -22.67
C LEU B 56 -44.21 -6.37 -22.63
N GLY B 57 -44.60 -6.83 -23.82
CA GLY B 57 -45.55 -7.91 -23.93
C GLY B 57 -44.95 -9.26 -24.26
N VAL B 58 -45.80 -10.27 -24.29
CA VAL B 58 -45.40 -11.63 -24.60
C VAL B 58 -46.33 -12.18 -25.68
N SER B 59 -45.79 -12.42 -26.86
CA SER B 59 -46.61 -12.95 -27.96
C SER B 59 -46.96 -14.39 -27.68
N PRO B 60 -48.01 -14.91 -28.33
CA PRO B 60 -48.37 -16.32 -28.09
C PRO B 60 -47.20 -17.24 -28.43
N THR B 61 -46.35 -16.80 -29.36
CA THR B 61 -45.18 -17.58 -29.76
C THR B 61 -44.18 -17.63 -28.61
N GLU B 62 -43.81 -16.46 -28.11
CA GLU B 62 -42.87 -16.35 -27.01
C GLU B 62 -43.39 -17.05 -25.76
N GLU B 63 -44.71 -16.98 -25.55
CA GLU B 63 -45.33 -17.61 -24.39
C GLU B 63 -45.18 -19.13 -24.45
N LYS B 64 -45.41 -19.69 -25.63
CA LYS B 64 -45.30 -21.12 -25.84
C LYS B 64 -43.82 -21.55 -25.66
N ARG B 65 -42.89 -20.77 -26.23
CA ARG B 65 -41.49 -21.10 -26.09
C ARG B 65 -41.10 -21.11 -24.61
N ILE B 66 -41.61 -20.12 -23.87
CA ILE B 66 -41.33 -20.01 -22.44
C ILE B 66 -41.82 -21.26 -21.71
N LEU B 67 -43.06 -21.67 -21.99
CA LEU B 67 -43.62 -22.85 -21.36
C LEU B 67 -42.85 -24.11 -21.74
N GLU B 68 -42.27 -24.12 -22.94
CA GLU B 68 -41.49 -25.27 -23.39
C GLU B 68 -40.17 -25.30 -22.63
N LEU B 69 -39.46 -24.18 -22.57
CA LEU B 69 -38.19 -24.13 -21.86
C LEU B 69 -38.38 -24.42 -20.39
N VAL B 70 -39.58 -24.15 -19.86
CA VAL B 70 -39.84 -24.42 -18.45
C VAL B 70 -40.08 -25.91 -18.25
N GLU B 71 -40.76 -26.52 -19.21
CA GLU B 71 -41.04 -27.96 -19.16
C GLU B 71 -39.71 -28.72 -19.21
N LYS B 72 -38.80 -28.21 -20.05
CA LYS B 72 -37.47 -28.80 -20.22
C LYS B 72 -36.68 -28.69 -18.92
N ARG B 73 -36.75 -27.52 -18.30
CA ARG B 73 -36.06 -27.27 -17.05
C ARG B 73 -36.70 -28.10 -15.93
N ALA B 74 -37.98 -28.38 -16.05
CA ALA B 74 -38.67 -29.16 -15.03
C ALA B 74 -38.22 -30.62 -15.03
N SER B 75 -37.43 -31.00 -16.01
CA SER B 75 -36.94 -32.39 -16.08
C SER B 75 -35.64 -32.52 -15.31
N GLY B 76 -35.10 -31.40 -14.84
CA GLY B 76 -33.85 -31.44 -14.11
C GLY B 76 -32.72 -30.94 -14.97
N TYR B 77 -32.98 -30.77 -16.27
CA TYR B 77 -31.98 -30.27 -17.21
C TYR B 77 -31.46 -28.93 -16.69
N PRO B 78 -30.14 -28.72 -16.77
CA PRO B 78 -29.47 -27.49 -16.32
C PRO B 78 -29.99 -26.16 -16.89
N LEU B 79 -30.33 -25.24 -16.00
CA LEU B 79 -30.81 -23.91 -16.39
C LEU B 79 -29.82 -23.19 -17.29
N HIS B 80 -28.55 -23.20 -16.92
CA HIS B 80 -27.56 -22.48 -17.69
C HIS B 80 -27.28 -23.08 -19.06
N TYR B 81 -27.69 -24.33 -19.25
CA TYR B 81 -27.54 -24.96 -20.56
C TYR B 81 -28.67 -24.38 -21.39
N ILE B 82 -29.82 -24.18 -20.75
CA ILE B 82 -30.96 -23.58 -21.45
C ILE B 82 -30.60 -22.12 -21.80
N LEU B 83 -30.00 -21.40 -20.85
CA LEU B 83 -29.62 -20.00 -21.08
C LEU B 83 -28.43 -19.87 -22.01
N GLY B 84 -27.57 -20.89 -22.04
CA GLY B 84 -26.40 -20.86 -22.90
C GLY B 84 -25.27 -20.04 -22.31
N GLU B 85 -25.40 -19.66 -21.05
CA GLU B 85 -24.37 -18.86 -20.41
C GLU B 85 -24.50 -18.85 -18.90
N LYS B 86 -23.43 -18.51 -18.22
CA LYS B 86 -23.42 -18.44 -16.77
C LYS B 86 -22.59 -17.22 -16.40
N GLU B 87 -23.10 -16.40 -15.48
CA GLU B 87 -22.34 -15.23 -15.08
C GLU B 87 -21.35 -15.68 -14.01
N PHE B 88 -20.08 -15.33 -14.22
CA PHE B 88 -19.01 -15.71 -13.29
C PHE B 88 -18.08 -14.50 -13.14
N MET B 89 -17.89 -14.05 -11.89
CA MET B 89 -17.06 -12.87 -11.62
C MET B 89 -17.58 -11.68 -12.44
N GLY B 90 -18.90 -11.56 -12.56
CA GLY B 90 -19.46 -10.47 -13.33
C GLY B 90 -19.27 -10.61 -14.84
N LEU B 91 -18.65 -11.70 -15.27
CA LEU B 91 -18.43 -11.90 -16.71
C LEU B 91 -19.39 -12.96 -17.23
N SER B 92 -19.84 -12.81 -18.46
CA SER B 92 -20.75 -13.77 -19.06
C SER B 92 -19.96 -14.89 -19.76
N PHE B 93 -20.10 -16.12 -19.27
CA PHE B 93 -19.39 -17.23 -19.86
C PHE B 93 -20.32 -18.15 -20.63
N LEU B 94 -20.00 -18.37 -21.90
CA LEU B 94 -20.80 -19.26 -22.73
C LEU B 94 -20.62 -20.68 -22.20
N VAL B 95 -21.73 -21.39 -22.02
CA VAL B 95 -21.66 -22.78 -21.59
C VAL B 95 -22.65 -23.60 -22.41
N GLU B 96 -22.44 -24.90 -22.42
CA GLU B 96 -23.30 -25.83 -23.15
C GLU B 96 -22.95 -27.27 -22.79
N GLU B 97 -23.78 -28.20 -23.24
CA GLU B 97 -23.67 -29.64 -23.08
C GLU B 97 -22.13 -29.96 -23.43
N GLY B 98 -21.45 -30.66 -22.53
CA GLY B 98 -20.08 -31.09 -22.74
C GLY B 98 -19.11 -30.22 -21.96
N VAL B 99 -19.61 -29.14 -21.37
CA VAL B 99 -18.80 -28.21 -20.58
C VAL B 99 -19.42 -28.01 -19.21
N PHE B 100 -18.60 -28.16 -18.18
CA PHE B 100 -19.01 -28.00 -16.78
C PHE B 100 -19.44 -26.53 -16.56
N VAL B 101 -20.52 -26.31 -15.80
CA VAL B 101 -21.02 -24.96 -15.53
C VAL B 101 -20.29 -24.37 -14.33
N PRO B 102 -19.65 -23.20 -14.49
CA PRO B 102 -18.93 -22.54 -13.40
C PRO B 102 -19.75 -22.46 -12.11
N ARG B 103 -19.10 -22.69 -10.99
CA ARG B 103 -19.75 -22.67 -9.67
C ARG B 103 -19.38 -21.41 -8.87
N PRO B 104 -20.29 -20.97 -7.98
CA PRO B 104 -20.04 -19.78 -7.17
C PRO B 104 -18.82 -19.87 -6.24
N GLU B 105 -18.63 -21.00 -5.55
CA GLU B 105 -17.46 -21.09 -4.68
C GLU B 105 -16.15 -20.94 -5.44
N THR B 106 -16.15 -21.25 -6.73
CA THR B 106 -14.92 -21.12 -7.50
C THR B 106 -14.52 -19.67 -7.71
N GLU B 107 -15.46 -18.73 -7.57
CA GLU B 107 -15.14 -17.30 -7.72
C GLU B 107 -14.18 -16.93 -6.59
N GLU B 108 -14.46 -17.42 -5.40
CA GLU B 108 -13.62 -17.16 -4.23
C GLU B 108 -12.19 -17.59 -4.50
N LEU B 109 -12.02 -18.60 -5.35
CA LEU B 109 -10.68 -19.06 -5.67
C LEU B 109 -9.99 -18.00 -6.53
N VAL B 110 -10.72 -17.42 -7.47
CA VAL B 110 -10.15 -16.41 -8.36
C VAL B 110 -9.78 -15.13 -7.60
N GLU B 111 -10.59 -14.75 -6.63
CA GLU B 111 -10.31 -13.55 -5.84
C GLU B 111 -9.01 -13.75 -5.06
N LEU B 112 -8.84 -14.96 -4.55
CA LEU B 112 -7.67 -15.34 -3.77
C LEU B 112 -6.44 -15.38 -4.66
N ALA B 113 -6.66 -15.72 -5.92
CA ALA B 113 -5.59 -15.82 -6.89
C ALA B 113 -5.13 -14.44 -7.32
N LEU B 114 -6.08 -13.53 -7.50
CA LEU B 114 -5.74 -12.17 -7.91
C LEU B 114 -4.94 -11.52 -6.80
N GLU B 115 -5.28 -11.86 -5.56
CA GLU B 115 -4.62 -11.31 -4.39
C GLU B 115 -3.15 -11.70 -4.37
N LEU B 116 -2.87 -12.94 -4.73
CA LEU B 116 -1.52 -13.45 -4.78
C LEU B 116 -0.76 -12.82 -5.95
N ILE B 117 -1.48 -12.49 -7.02
CA ILE B 117 -0.86 -11.87 -8.18
C ILE B 117 -0.44 -10.45 -7.84
N ARG B 118 -1.19 -9.79 -6.97
CA ARG B 118 -0.88 -8.43 -6.57
C ARG B 118 0.23 -8.44 -5.52
N LYS B 119 0.44 -9.58 -4.88
CA LYS B 119 1.45 -9.69 -3.86
C LYS B 119 2.85 -9.92 -4.43
N TYR B 120 3.02 -11.02 -5.15
CA TYR B 120 4.32 -11.37 -5.73
C TYR B 120 4.51 -10.85 -7.14
N GLY B 121 3.62 -9.98 -7.59
CA GLY B 121 3.72 -9.45 -8.94
C GLY B 121 3.92 -10.57 -9.93
N ILE B 122 3.05 -11.57 -9.87
CA ILE B 122 3.11 -12.73 -10.76
C ILE B 122 2.71 -12.37 -12.19
N LYS B 123 3.45 -12.90 -13.16
CA LYS B 123 3.17 -12.62 -14.56
C LYS B 123 2.67 -13.84 -15.34
N THR B 124 3.04 -15.04 -14.88
CA THR B 124 2.64 -16.25 -15.59
C THR B 124 1.83 -17.22 -14.72
N VAL B 125 0.60 -17.50 -15.15
CA VAL B 125 -0.30 -18.39 -14.44
C VAL B 125 -0.79 -19.53 -15.31
N ALA B 126 -1.21 -20.61 -14.68
CA ALA B 126 -1.72 -21.77 -15.39
C ALA B 126 -3.07 -22.18 -14.81
N ASP B 127 -3.97 -22.62 -15.67
CA ASP B 127 -5.30 -23.07 -15.26
C ASP B 127 -5.48 -24.48 -15.82
N ILE B 128 -5.40 -25.48 -14.96
CA ILE B 128 -5.56 -26.87 -15.39
C ILE B 128 -7.02 -27.29 -15.32
N GLY B 129 -7.54 -27.80 -16.44
CA GLY B 129 -8.94 -28.20 -16.49
C GLY B 129 -9.79 -26.95 -16.52
N THR B 130 -9.46 -26.07 -17.46
CA THR B 130 -10.13 -24.78 -17.62
C THR B 130 -11.64 -24.83 -17.91
N GLY B 131 -12.13 -25.93 -18.46
CA GLY B 131 -13.56 -26.02 -18.76
C GLY B 131 -14.04 -24.85 -19.62
N SER B 132 -15.00 -24.08 -19.13
CA SER B 132 -15.51 -22.94 -19.89
C SER B 132 -14.47 -21.82 -19.96
N GLY B 133 -13.43 -21.91 -19.14
CA GLY B 133 -12.39 -20.90 -19.10
C GLY B 133 -12.57 -19.93 -17.93
N ALA B 134 -13.58 -20.20 -17.10
CA ALA B 134 -13.92 -19.38 -15.94
C ALA B 134 -12.75 -18.81 -15.14
N ILE B 135 -11.90 -19.69 -14.60
CA ILE B 135 -10.77 -19.22 -13.81
C ILE B 135 -9.74 -18.49 -14.67
N GLY B 136 -9.12 -19.20 -15.60
CA GLY B 136 -8.10 -18.60 -16.46
C GLY B 136 -8.47 -17.31 -17.18
N VAL B 137 -9.66 -17.27 -17.76
CA VAL B 137 -10.07 -16.07 -18.47
C VAL B 137 -10.32 -14.88 -17.53
N SER B 138 -10.85 -15.16 -16.35
CA SER B 138 -11.12 -14.11 -15.38
C SER B 138 -9.80 -13.55 -14.83
N VAL B 139 -8.84 -14.43 -14.59
CA VAL B 139 -7.54 -13.99 -14.08
C VAL B 139 -6.86 -13.11 -15.11
N ALA B 140 -6.98 -13.48 -16.38
CA ALA B 140 -6.36 -12.71 -17.45
C ALA B 140 -7.07 -11.38 -17.64
N LYS B 141 -8.39 -11.39 -17.48
CA LYS B 141 -9.20 -10.19 -17.66
C LYS B 141 -8.99 -9.12 -16.60
N PHE B 142 -8.78 -9.56 -15.36
CA PHE B 142 -8.61 -8.63 -14.25
C PHE B 142 -7.18 -8.41 -13.75
N SER B 143 -6.19 -8.71 -14.60
CA SER B 143 -4.80 -8.52 -14.25
C SER B 143 -3.97 -8.38 -15.51
N ASP B 144 -2.66 -8.52 -15.40
CA ASP B 144 -1.76 -8.41 -16.56
C ASP B 144 -1.09 -9.74 -16.83
N ALA B 145 -1.48 -10.75 -16.08
CA ALA B 145 -0.90 -12.08 -16.23
C ALA B 145 -1.35 -12.74 -17.53
N ILE B 146 -0.53 -13.66 -18.03
CA ILE B 146 -0.86 -14.41 -19.23
C ILE B 146 -1.20 -15.76 -18.64
N VAL B 147 -2.11 -16.48 -19.28
CA VAL B 147 -2.52 -17.76 -18.76
C VAL B 147 -2.44 -18.92 -19.75
N PHE B 148 -1.86 -20.03 -19.29
CA PHE B 148 -1.76 -21.24 -20.08
C PHE B 148 -2.81 -22.16 -19.48
N ALA B 149 -3.79 -22.55 -20.29
CA ALA B 149 -4.86 -23.42 -19.82
C ALA B 149 -4.90 -24.73 -20.58
N THR B 150 -5.44 -25.75 -19.95
CA THR B 150 -5.52 -27.05 -20.58
C THR B 150 -6.80 -27.76 -20.17
N ASP B 151 -7.16 -28.76 -20.96
CA ASP B 151 -8.33 -29.56 -20.64
C ASP B 151 -8.30 -30.78 -21.54
N VAL B 152 -8.72 -31.92 -21.00
CA VAL B 152 -8.74 -33.16 -21.77
C VAL B 152 -9.94 -33.21 -22.69
N SER B 153 -10.79 -32.18 -22.63
CA SER B 153 -11.99 -32.12 -23.46
C SER B 153 -11.88 -31.14 -24.63
N SER B 154 -12.22 -31.60 -25.82
CA SER B 154 -12.16 -30.76 -27.01
C SER B 154 -13.21 -29.67 -26.90
N LYS B 155 -14.39 -30.06 -26.41
CA LYS B 155 -15.49 -29.12 -26.24
C LYS B 155 -15.07 -28.00 -25.29
N ALA B 156 -14.35 -28.34 -24.22
CA ALA B 156 -13.90 -27.34 -23.25
C ALA B 156 -12.85 -26.39 -23.86
N VAL B 157 -11.87 -26.95 -24.56
CA VAL B 157 -10.84 -26.12 -25.20
C VAL B 157 -11.53 -25.15 -26.15
N GLU B 158 -12.41 -25.70 -26.98
CA GLU B 158 -13.16 -24.93 -27.97
C GLU B 158 -13.94 -23.78 -27.31
N ILE B 159 -14.68 -24.09 -26.25
CA ILE B 159 -15.48 -23.08 -25.54
C ILE B 159 -14.61 -22.10 -24.76
N ALA B 160 -13.60 -22.61 -24.06
CA ALA B 160 -12.71 -21.76 -23.29
C ALA B 160 -12.08 -20.71 -24.21
N ARG B 161 -11.73 -21.15 -25.41
CA ARG B 161 -11.11 -20.27 -26.38
C ARG B 161 -12.08 -19.21 -26.87
N LYS B 162 -13.34 -19.61 -27.01
CA LYS B 162 -14.40 -18.71 -27.46
C LYS B 162 -14.69 -17.64 -26.41
N ASN B 163 -14.63 -18.00 -25.13
CA ASN B 163 -14.88 -17.03 -24.07
C ASN B 163 -13.71 -16.05 -23.93
N ALA B 164 -12.50 -16.51 -24.20
CA ALA B 164 -11.34 -15.63 -24.11
C ALA B 164 -11.53 -14.48 -25.10
N GLU B 165 -12.02 -14.81 -26.30
CA GLU B 165 -12.27 -13.83 -27.35
C GLU B 165 -13.41 -12.93 -26.90
N ARG B 166 -14.44 -13.56 -26.32
CA ARG B 166 -15.61 -12.88 -25.81
C ARG B 166 -15.23 -11.74 -24.87
N HIS B 167 -14.16 -11.92 -24.10
CA HIS B 167 -13.75 -10.90 -23.15
C HIS B 167 -12.46 -10.20 -23.51
N GLY B 168 -12.07 -10.32 -24.78
CA GLY B 168 -10.87 -9.66 -25.27
C GLY B 168 -9.60 -9.93 -24.53
N VAL B 169 -9.32 -11.20 -24.25
CA VAL B 169 -8.10 -11.57 -23.56
C VAL B 169 -7.44 -12.72 -24.31
N SER B 170 -7.79 -12.87 -25.58
CA SER B 170 -7.23 -13.93 -26.42
C SER B 170 -5.71 -13.79 -26.56
N ASP B 171 -5.22 -12.57 -26.36
CA ASP B 171 -3.79 -12.30 -26.50
C ASP B 171 -3.02 -12.68 -25.23
N ARG B 172 -3.74 -13.01 -24.16
CA ARG B 172 -3.10 -13.40 -22.91
C ARG B 172 -3.62 -14.72 -22.31
N PHE B 173 -4.58 -15.35 -22.99
CA PHE B 173 -5.15 -16.62 -22.55
C PHE B 173 -4.98 -17.65 -23.66
N PHE B 174 -4.14 -18.66 -23.43
CA PHE B 174 -3.87 -19.69 -24.43
C PHE B 174 -4.26 -21.06 -23.89
N VAL B 175 -5.11 -21.77 -24.64
CA VAL B 175 -5.57 -23.08 -24.20
C VAL B 175 -5.20 -24.21 -25.17
N ARG B 176 -4.81 -25.36 -24.61
CA ARG B 176 -4.45 -26.52 -25.43
C ARG B 176 -5.04 -27.80 -24.87
N LYS B 177 -5.34 -28.73 -25.77
CA LYS B 177 -5.91 -30.00 -25.36
C LYS B 177 -4.80 -30.89 -24.81
N GLY B 178 -5.08 -31.57 -23.70
CA GLY B 178 -4.11 -32.44 -23.07
C GLY B 178 -4.35 -32.49 -21.58
N GLU B 179 -3.59 -33.30 -20.84
CA GLU B 179 -3.82 -33.36 -19.40
C GLU B 179 -2.74 -32.70 -18.57
N PHE B 180 -3.16 -32.17 -17.43
CA PHE B 180 -2.27 -31.48 -16.52
C PHE B 180 -1.56 -30.37 -17.28
N LEU B 181 -0.24 -30.30 -17.19
CA LEU B 181 0.49 -29.25 -17.91
C LEU B 181 1.31 -29.81 -19.05
N GLU B 182 0.97 -31.03 -19.47
CA GLU B 182 1.69 -31.71 -20.55
C GLU B 182 1.71 -30.93 -21.86
N PRO B 183 0.55 -30.49 -22.34
CA PRO B 183 0.58 -29.74 -23.61
C PRO B 183 1.39 -28.45 -23.52
N PHE B 184 1.86 -28.12 -22.33
CA PHE B 184 2.66 -26.91 -22.11
C PHE B 184 4.01 -27.18 -21.42
N LYS B 185 4.57 -28.36 -21.65
CA LYS B 185 5.85 -28.73 -21.05
C LYS B 185 6.89 -27.62 -21.07
N GLU B 186 7.21 -27.16 -22.28
CA GLU B 186 8.21 -26.11 -22.48
C GLU B 186 8.06 -24.92 -21.54
N LYS B 187 6.83 -24.46 -21.35
CA LYS B 187 6.59 -23.30 -20.50
C LYS B 187 6.57 -23.60 -19.00
N PHE B 188 6.51 -24.87 -18.63
CA PHE B 188 6.47 -25.24 -17.22
C PHE B 188 7.42 -24.45 -16.32
N ALA B 189 8.60 -24.17 -16.84
CA ALA B 189 9.59 -23.42 -16.07
C ALA B 189 9.08 -22.04 -15.68
N SER B 190 8.61 -21.28 -16.67
CA SER B 190 8.12 -19.93 -16.45
C SER B 190 6.83 -19.80 -15.62
N ILE B 191 6.11 -20.90 -15.43
CA ILE B 191 4.86 -20.88 -14.68
C ILE B 191 5.09 -20.65 -13.20
N GLU B 192 4.64 -19.50 -12.70
CA GLU B 192 4.82 -19.15 -11.30
C GLU B 192 3.67 -19.62 -10.42
N MET B 193 2.47 -19.70 -11.01
CA MET B 193 1.28 -20.12 -10.28
C MET B 193 0.41 -21.11 -11.05
N ILE B 194 -0.02 -22.15 -10.35
CA ILE B 194 -0.86 -23.17 -10.96
C ILE B 194 -2.22 -23.20 -10.26
N LEU B 195 -3.27 -22.98 -11.05
CA LEU B 195 -4.64 -22.96 -10.54
C LEU B 195 -5.44 -24.12 -11.10
N SER B 196 -6.50 -24.49 -10.40
CA SER B 196 -7.33 -25.59 -10.88
C SER B 196 -8.51 -25.91 -9.98
N ASN B 197 -9.63 -26.22 -10.62
CA ASN B 197 -10.82 -26.67 -9.92
C ASN B 197 -11.01 -27.99 -10.65
N PRO B 198 -10.27 -29.01 -10.22
CA PRO B 198 -10.32 -30.35 -10.81
C PRO B 198 -11.52 -31.15 -10.35
N PRO B 199 -11.74 -32.32 -10.96
CA PRO B 199 -12.86 -33.15 -10.56
C PRO B 199 -12.48 -33.78 -9.23
N TYR B 200 -13.30 -33.61 -8.21
CA TYR B 200 -12.98 -34.16 -6.91
C TYR B 200 -14.16 -34.89 -6.27
N VAL B 201 -15.10 -35.31 -7.10
CA VAL B 201 -16.28 -36.03 -6.63
C VAL B 201 -15.95 -37.52 -6.56
N LYS B 202 -16.41 -38.19 -5.51
CA LYS B 202 -16.18 -39.63 -5.37
C LYS B 202 -17.04 -40.32 -6.42
N SER B 203 -16.49 -41.36 -7.05
CA SER B 203 -17.23 -42.09 -8.07
C SER B 203 -18.50 -42.74 -7.54
N SER B 204 -18.57 -42.89 -6.21
CA SER B 204 -19.74 -43.50 -5.57
C SER B 204 -20.81 -42.47 -5.22
N ALA B 205 -20.46 -41.18 -5.35
CA ALA B 205 -21.38 -40.11 -5.02
C ALA B 205 -22.59 -40.04 -5.95
N HIS B 206 -23.76 -39.82 -5.35
CA HIS B 206 -25.00 -39.72 -6.08
C HIS B 206 -25.09 -38.37 -6.78
N LEU B 207 -25.40 -38.39 -8.08
CA LEU B 207 -25.51 -37.16 -8.87
C LEU B 207 -26.90 -36.53 -8.87
N PRO B 208 -27.01 -35.24 -8.49
CA PRO B 208 -28.28 -34.53 -8.47
C PRO B 208 -28.83 -34.49 -9.89
N LYS B 209 -30.15 -34.38 -10.02
CA LYS B 209 -30.79 -34.39 -11.33
C LYS B 209 -30.13 -33.54 -12.39
N ASP B 210 -29.61 -32.37 -12.03
CA ASP B 210 -29.00 -31.50 -13.03
C ASP B 210 -27.53 -31.75 -13.34
N VAL B 211 -26.73 -32.18 -12.36
CA VAL B 211 -25.33 -32.43 -12.65
C VAL B 211 -25.22 -33.69 -13.52
N LEU B 212 -26.32 -34.44 -13.57
CA LEU B 212 -26.43 -35.66 -14.38
C LEU B 212 -26.12 -35.34 -15.83
N PHE B 213 -26.41 -34.10 -16.22
CA PHE B 213 -26.23 -33.65 -17.60
C PHE B 213 -24.86 -33.06 -17.89
N GLU B 214 -24.01 -32.95 -16.89
CA GLU B 214 -22.67 -32.41 -17.09
C GLU B 214 -21.66 -33.51 -17.37
N PRO B 215 -20.53 -33.15 -18.01
CA PRO B 215 -19.47 -34.10 -18.36
C PRO B 215 -18.93 -34.88 -17.18
N PRO B 216 -19.13 -36.21 -17.15
CA PRO B 216 -18.61 -36.97 -16.01
C PRO B 216 -17.10 -36.81 -15.79
N GLU B 217 -16.34 -36.47 -16.84
CA GLU B 217 -14.89 -36.29 -16.69
C GLU B 217 -14.56 -35.03 -15.88
N ALA B 218 -15.55 -34.16 -15.72
CA ALA B 218 -15.35 -32.94 -14.95
C ALA B 218 -15.76 -33.16 -13.50
N LEU B 219 -16.39 -34.30 -13.22
CA LEU B 219 -16.83 -34.58 -11.86
C LEU B 219 -16.02 -35.59 -11.01
N PHE B 220 -15.89 -36.81 -11.50
CA PHE B 220 -15.24 -37.90 -10.78
C PHE B 220 -13.72 -38.00 -10.71
N GLY B 221 -13.24 -38.30 -9.51
CA GLY B 221 -11.81 -38.43 -9.27
C GLY B 221 -11.47 -39.74 -8.58
N GLY B 222 -12.11 -40.83 -9.01
CA GLY B 222 -11.85 -42.13 -8.42
C GLY B 222 -12.71 -42.44 -7.22
N GLU B 223 -12.50 -43.61 -6.63
CA GLU B 223 -13.25 -44.04 -5.45
C GLU B 223 -13.01 -43.06 -4.32
N ASP B 224 -11.82 -42.47 -4.35
CA ASP B 224 -11.35 -41.53 -3.35
C ASP B 224 -11.82 -40.09 -3.63
N GLY B 225 -11.82 -39.73 -4.92
CA GLY B 225 -12.19 -38.38 -5.31
C GLY B 225 -10.92 -37.56 -5.35
N LEU B 226 -9.81 -38.22 -5.05
CA LEU B 226 -8.50 -37.57 -5.01
C LEU B 226 -7.52 -37.99 -6.08
N ASP B 227 -7.95 -38.68 -7.13
CA ASP B 227 -7.00 -39.11 -8.15
C ASP B 227 -6.23 -37.95 -8.78
N PHE B 228 -6.94 -36.90 -9.16
CA PHE B 228 -6.29 -35.75 -9.79
C PHE B 228 -5.10 -35.23 -8.97
N TYR B 229 -5.30 -35.02 -7.68
CA TYR B 229 -4.23 -34.51 -6.81
C TYR B 229 -3.08 -35.53 -6.70
N ARG B 230 -3.43 -36.78 -6.41
CA ARG B 230 -2.44 -37.85 -6.28
C ARG B 230 -1.50 -37.82 -7.48
N GLU B 231 -2.08 -37.91 -8.68
CA GLU B 231 -1.31 -37.90 -9.91
C GLU B 231 -0.56 -36.58 -10.14
N PHE B 232 -1.21 -35.46 -9.90
CA PHE B 232 -0.55 -34.16 -10.11
C PHE B 232 0.70 -33.97 -9.28
N PHE B 233 0.52 -34.03 -7.95
CA PHE B 233 1.63 -33.81 -7.02
C PHE B 233 2.74 -34.85 -7.05
N GLY B 234 2.45 -36.01 -7.63
CA GLY B 234 3.46 -37.04 -7.71
C GLY B 234 4.17 -37.02 -9.05
N ARG B 235 3.76 -36.11 -9.92
CA ARG B 235 4.35 -35.99 -11.25
C ARG B 235 5.03 -34.66 -11.52
N TYR B 236 4.64 -33.62 -10.79
CA TYR B 236 5.22 -32.29 -10.99
C TYR B 236 6.02 -31.75 -9.81
N ASP B 237 7.08 -31.00 -10.12
CA ASP B 237 7.93 -30.40 -9.10
C ASP B 237 7.41 -29.00 -8.79
N THR B 238 6.68 -28.88 -7.70
CA THR B 238 6.09 -27.62 -7.29
C THR B 238 7.07 -26.57 -6.76
N SER B 239 8.37 -26.84 -6.90
CA SER B 239 9.39 -25.92 -6.40
C SER B 239 9.35 -24.52 -6.99
N GLY B 240 9.48 -23.53 -6.12
CA GLY B 240 9.47 -22.14 -6.55
C GLY B 240 8.16 -21.71 -7.18
N LYS B 241 7.11 -22.51 -6.98
CA LYS B 241 5.81 -22.22 -7.57
C LYS B 241 4.69 -22.16 -6.53
N ILE B 242 3.59 -21.50 -6.88
CA ILE B 242 2.45 -21.37 -5.99
C ILE B 242 1.30 -22.21 -6.56
N VAL B 243 0.72 -23.08 -5.74
CA VAL B 243 -0.39 -23.92 -6.19
C VAL B 243 -1.63 -23.70 -5.36
N LEU B 244 -2.73 -23.35 -6.05
CA LEU B 244 -4.01 -23.09 -5.42
C LEU B 244 -5.06 -23.90 -6.17
N MET B 245 -5.75 -24.80 -5.46
CA MET B 245 -6.77 -25.64 -6.08
C MET B 245 -7.99 -25.80 -5.20
N GLU B 246 -9.15 -26.00 -5.82
CA GLU B 246 -10.39 -26.19 -5.09
C GLU B 246 -10.45 -27.64 -4.63
N ILE B 247 -11.19 -27.93 -3.57
CA ILE B 247 -11.26 -29.30 -3.07
C ILE B 247 -12.60 -29.65 -2.44
N GLY B 248 -12.80 -30.95 -2.20
CA GLY B 248 -14.01 -31.41 -1.56
C GLY B 248 -13.85 -31.03 -0.10
N GLU B 249 -14.96 -30.77 0.59
CA GLU B 249 -14.91 -30.36 1.98
C GLU B 249 -14.39 -31.38 2.99
N ASP B 250 -14.50 -32.67 2.67
CA ASP B 250 -14.04 -33.70 3.60
C ASP B 250 -12.71 -34.31 3.21
N GLN B 251 -11.96 -33.65 2.33
CA GLN B 251 -10.70 -34.20 1.86
C GLN B 251 -9.43 -33.60 2.46
N VAL B 252 -9.59 -32.65 3.38
CA VAL B 252 -8.43 -31.99 3.99
C VAL B 252 -7.40 -32.97 4.56
N GLU B 253 -7.84 -33.82 5.47
CA GLU B 253 -6.95 -34.77 6.11
C GLU B 253 -6.27 -35.73 5.14
N GLU B 254 -7.02 -36.27 4.19
CA GLU B 254 -6.43 -37.18 3.22
C GLU B 254 -5.48 -36.47 2.27
N LEU B 255 -5.77 -35.22 1.96
CA LEU B 255 -4.91 -34.46 1.06
C LEU B 255 -3.59 -34.14 1.75
N LYS B 256 -3.63 -33.96 3.06
CA LYS B 256 -2.43 -33.65 3.82
C LYS B 256 -1.39 -34.75 3.65
N LYS B 257 -1.87 -35.98 3.41
CA LYS B 257 -0.97 -37.12 3.22
C LYS B 257 -0.52 -37.25 1.76
N ILE B 258 -1.05 -36.37 0.90
CA ILE B 258 -0.70 -36.40 -0.52
C ILE B 258 0.35 -35.35 -0.86
N VAL B 259 0.28 -34.23 -0.14
CA VAL B 259 1.22 -33.14 -0.36
C VAL B 259 1.43 -32.40 0.96
N SER B 260 2.66 -32.41 1.44
CA SER B 260 2.99 -31.76 2.69
C SER B 260 3.23 -30.26 2.53
N ASP B 261 3.22 -29.55 3.65
CA ASP B 261 3.44 -28.10 3.66
C ASP B 261 2.34 -27.33 2.92
N THR B 262 1.09 -27.64 3.21
CA THR B 262 -0.01 -26.95 2.56
C THR B 262 -1.01 -26.37 3.55
N VAL B 263 -1.56 -25.22 3.20
CA VAL B 263 -2.56 -24.57 4.03
C VAL B 263 -3.91 -24.86 3.39
N PHE B 264 -4.97 -24.82 4.18
CA PHE B 264 -6.32 -25.07 3.69
C PHE B 264 -7.23 -23.94 4.11
N LEU B 265 -7.89 -23.31 3.14
CA LEU B 265 -8.77 -22.19 3.42
C LEU B 265 -10.24 -22.57 3.32
N LYS B 266 -11.09 -21.83 4.02
CA LYS B 266 -12.51 -22.11 4.03
C LYS B 266 -13.37 -21.26 3.09
N ASP B 267 -14.51 -21.83 2.74
CA ASP B 267 -15.50 -21.21 1.88
C ASP B 267 -15.97 -19.96 2.59
N SER B 268 -16.92 -19.28 1.98
CA SER B 268 -17.51 -18.11 2.59
C SER B 268 -18.61 -18.74 3.44
N ALA B 269 -18.99 -19.95 3.04
CA ALA B 269 -20.05 -20.72 3.71
C ALA B 269 -19.51 -21.61 4.83
N GLY B 270 -18.23 -21.45 5.17
CA GLY B 270 -17.63 -22.24 6.24
C GLY B 270 -17.02 -23.60 5.93
N LYS B 271 -17.22 -24.10 4.71
CA LYS B 271 -16.67 -25.40 4.33
C LYS B 271 -15.22 -25.26 3.88
N TYR B 272 -14.40 -26.29 4.05
CA TYR B 272 -13.03 -26.24 3.58
C TYR B 272 -13.13 -26.32 2.06
N ARG B 273 -12.44 -25.43 1.34
CA ARG B 273 -12.56 -25.42 -0.10
C ARG B 273 -11.32 -25.27 -0.96
N PHE B 274 -10.24 -24.74 -0.40
CA PHE B 274 -9.04 -24.56 -1.21
C PHE B 274 -7.77 -25.06 -0.53
N LEU B 275 -6.83 -25.55 -1.32
CA LEU B 275 -5.56 -26.00 -0.79
C LEU B 275 -4.53 -25.04 -1.39
N LEU B 276 -3.71 -24.46 -0.52
CA LEU B 276 -2.70 -23.49 -0.94
C LEU B 276 -1.29 -23.88 -0.54
N LEU B 277 -0.48 -24.17 -1.55
CA LEU B 277 0.91 -24.55 -1.36
C LEU B 277 1.76 -23.42 -1.93
N ASN B 278 2.44 -22.69 -1.04
CA ASN B 278 3.30 -21.59 -1.44
C ASN B 278 4.78 -21.97 -1.34
N ARG B 279 5.37 -22.36 -2.46
CA ARG B 279 6.78 -22.74 -2.48
C ARG B 279 7.59 -21.74 -3.29
N ARG B 280 7.18 -20.48 -3.24
CA ARG B 280 7.86 -19.42 -3.96
C ARG B 280 8.99 -18.93 -3.06
N SER B 281 10.23 -19.18 -3.46
CA SER B 281 11.39 -18.78 -2.68
C SER B 281 11.98 -17.44 -3.13
N SER C 8 28.38 22.14 -25.71
CA SER C 8 28.34 23.57 -25.29
C SER C 8 27.13 24.23 -25.94
N GLY C 9 26.03 24.28 -25.19
CA GLY C 9 24.79 24.86 -25.67
C GLY C 9 23.74 24.29 -24.74
N ALA C 10 23.79 22.98 -24.58
CA ALA C 10 22.89 22.26 -23.69
C ALA C 10 23.64 22.26 -22.34
N GLU C 11 24.97 22.23 -22.43
CA GLU C 11 25.81 22.24 -21.25
C GLU C 11 25.68 23.58 -20.54
N ARG C 12 25.33 24.61 -21.30
CA ARG C 12 25.19 25.94 -20.72
C ARG C 12 23.95 25.99 -19.82
N LYS C 13 22.89 25.31 -20.23
CA LYS C 13 21.63 25.25 -19.48
C LYS C 13 21.83 24.64 -18.10
N ILE C 14 22.19 23.36 -18.10
CA ILE C 14 22.39 22.64 -16.86
C ILE C 14 23.45 23.27 -15.93
N TRP C 15 24.64 23.58 -16.46
CA TRP C 15 25.69 24.15 -15.63
C TRP C 15 25.39 25.55 -15.10
N SER C 16 24.53 26.28 -15.80
CA SER C 16 24.19 27.61 -15.31
C SER C 16 23.16 27.42 -14.18
N LEU C 17 22.30 26.41 -14.33
CA LEU C 17 21.29 26.12 -13.31
C LEU C 17 22.01 25.71 -12.03
N ILE C 18 22.94 24.77 -12.16
CA ILE C 18 23.72 24.29 -11.03
C ILE C 18 24.39 25.42 -10.26
N ARG C 19 24.84 26.44 -10.98
CA ARG C 19 25.50 27.57 -10.34
C ARG C 19 24.51 28.45 -9.57
N ASP C 20 23.34 28.68 -10.17
CA ASP C 20 22.32 29.50 -9.52
C ASP C 20 21.86 28.82 -8.24
N CYS C 21 21.63 27.52 -8.32
CA CYS C 21 21.19 26.74 -7.19
C CYS C 21 22.18 26.81 -6.04
N SER C 22 23.46 26.60 -6.33
CA SER C 22 24.47 26.65 -5.30
C SER C 22 24.39 27.98 -4.56
N GLY C 23 24.19 29.06 -5.31
CA GLY C 23 24.07 30.37 -4.68
C GLY C 23 22.97 30.40 -3.63
N LYS C 24 21.85 29.76 -3.91
CA LYS C 24 20.72 29.74 -2.99
C LYS C 24 20.95 28.90 -1.74
N LEU C 25 21.95 28.01 -1.77
CA LEU C 25 22.25 27.14 -0.63
C LEU C 25 23.39 27.56 0.31
N GLU C 26 24.18 28.56 -0.09
CA GLU C 26 25.25 29.01 0.79
C GLU C 26 24.56 29.50 2.04
N GLY C 27 25.26 29.52 3.16
CA GLY C 27 24.62 29.97 4.39
C GLY C 27 23.78 28.85 5.00
N VAL C 28 23.74 27.72 4.32
CA VAL C 28 23.01 26.56 4.80
C VAL C 28 23.97 25.38 4.80
N THR C 29 24.97 25.44 3.91
CA THR C 29 25.96 24.39 3.79
C THR C 29 27.19 24.87 3.02
N GLU C 30 28.36 24.39 3.44
CA GLU C 30 29.60 24.76 2.78
C GLU C 30 29.83 23.89 1.54
N THR C 31 29.24 22.70 1.53
CA THR C 31 29.39 21.80 0.39
C THR C 31 28.25 22.06 -0.60
N SER C 32 27.98 23.34 -0.74
CA SER C 32 26.95 23.89 -1.61
C SER C 32 26.84 23.25 -2.99
N VAL C 33 27.92 23.21 -3.75
CA VAL C 33 27.82 22.66 -5.10
C VAL C 33 27.70 21.15 -5.16
N LEU C 34 28.24 20.46 -4.16
CA LEU C 34 28.15 19.00 -4.16
C LEU C 34 26.68 18.60 -4.02
N GLU C 35 25.98 19.26 -3.10
CA GLU C 35 24.58 18.98 -2.85
C GLU C 35 23.71 19.20 -4.07
N VAL C 36 23.89 20.34 -4.73
CA VAL C 36 23.13 20.63 -5.95
C VAL C 36 23.39 19.53 -6.97
N LEU C 37 24.64 19.08 -7.07
CA LEU C 37 24.98 18.01 -8.02
C LEU C 37 24.22 16.74 -7.68
N LEU C 38 24.09 16.45 -6.39
CA LEU C 38 23.37 15.26 -5.95
C LEU C 38 21.87 15.42 -6.25
N ILE C 39 21.32 16.58 -5.94
CA ILE C 39 19.91 16.87 -6.16
C ILE C 39 19.55 16.83 -7.64
N VAL C 40 20.44 17.35 -8.49
CA VAL C 40 20.18 17.36 -9.92
C VAL C 40 20.17 15.95 -10.50
N SER C 41 21.20 15.17 -10.20
CA SER C 41 21.27 13.82 -10.74
C SER C 41 20.13 12.94 -10.22
N ARG C 42 19.48 13.37 -9.15
CA ARG C 42 18.35 12.60 -8.64
C ARG C 42 17.07 12.86 -9.44
N VAL C 43 16.75 14.12 -9.69
CA VAL C 43 15.53 14.42 -10.44
C VAL C 43 15.67 14.03 -11.90
N LEU C 44 16.91 13.84 -12.36
CA LEU C 44 17.15 13.46 -13.74
C LEU C 44 17.23 11.94 -13.87
N GLY C 45 17.38 11.26 -12.74
CA GLY C 45 17.47 9.82 -12.75
C GLY C 45 18.75 9.29 -13.35
N ILE C 46 19.89 9.76 -12.86
CA ILE C 46 21.19 9.31 -13.36
C ILE C 46 22.19 9.33 -12.22
N ARG C 47 23.34 8.70 -12.43
CA ARG C 47 24.38 8.67 -11.40
C ARG C 47 25.13 9.98 -11.45
N LYS C 48 25.81 10.33 -10.37
CA LYS C 48 26.58 11.58 -10.33
C LYS C 48 27.62 11.55 -11.43
N GLU C 49 28.23 10.39 -11.63
CA GLU C 49 29.26 10.19 -12.64
C GLU C 49 28.83 10.53 -14.06
N ASP C 50 27.52 10.48 -14.32
CA ASP C 50 27.03 10.77 -15.65
C ASP C 50 26.61 12.22 -15.84
N LEU C 51 26.89 13.06 -14.86
CA LEU C 51 26.54 14.47 -14.95
C LEU C 51 27.33 15.18 -16.03
N PHE C 52 28.43 14.58 -16.47
CA PHE C 52 29.23 15.18 -17.52
C PHE C 52 28.68 14.75 -18.87
N LEU C 53 28.60 13.44 -19.06
CA LEU C 53 28.07 12.83 -20.29
C LEU C 53 28.22 13.65 -21.57
N LYS C 54 27.34 13.35 -22.53
CA LYS C 54 27.35 14.03 -23.82
C LYS C 54 26.42 15.24 -23.80
N ASP C 55 25.15 15.00 -24.12
CA ASP C 55 24.14 16.05 -24.12
C ASP C 55 23.08 15.79 -23.07
N LEU C 56 23.34 16.25 -21.85
CA LEU C 56 22.42 16.08 -20.74
C LEU C 56 21.44 17.25 -20.71
N GLY C 57 20.17 16.96 -20.95
CA GLY C 57 19.16 18.01 -20.94
C GLY C 57 18.28 18.01 -19.71
N VAL C 58 17.65 19.14 -19.45
CA VAL C 58 16.75 19.29 -18.32
C VAL C 58 15.45 19.89 -18.82
N SER C 59 14.38 19.09 -18.82
CA SER C 59 13.09 19.61 -19.28
C SER C 59 12.70 20.76 -18.37
N PRO C 60 11.74 21.59 -18.80
CA PRO C 60 11.34 22.70 -17.93
C PRO C 60 10.67 22.14 -16.67
N THR C 61 10.25 20.89 -16.74
CA THR C 61 9.60 20.25 -15.60
C THR C 61 10.68 19.81 -14.61
N GLU C 62 11.75 19.20 -15.12
CA GLU C 62 12.85 18.77 -14.26
C GLU C 62 13.55 20.00 -13.67
N GLU C 63 13.57 21.09 -14.44
CA GLU C 63 14.20 22.33 -13.99
C GLU C 63 13.45 22.87 -12.77
N LYS C 64 12.14 22.96 -12.90
CA LYS C 64 11.29 23.45 -11.84
C LYS C 64 11.39 22.56 -10.60
N ARG C 65 11.45 21.25 -10.79
CA ARG C 65 11.55 20.33 -9.68
C ARG C 65 12.86 20.54 -8.92
N ILE C 66 13.94 20.77 -9.68
CA ILE C 66 15.25 21.00 -9.08
C ILE C 66 15.22 22.26 -8.22
N LEU C 67 14.65 23.33 -8.78
CA LEU C 67 14.56 24.60 -8.05
C LEU C 67 13.74 24.47 -6.78
N GLU C 68 12.70 23.63 -6.83
CA GLU C 68 11.85 23.41 -5.68
C GLU C 68 12.59 22.63 -4.59
N LEU C 69 13.34 21.60 -4.98
CA LEU C 69 14.11 20.83 -4.02
C LEU C 69 15.24 21.69 -3.43
N VAL C 70 15.75 22.64 -4.21
CA VAL C 70 16.82 23.51 -3.70
C VAL C 70 16.19 24.51 -2.74
N GLU C 71 14.96 24.92 -3.06
CA GLU C 71 14.24 25.86 -2.21
C GLU C 71 13.94 25.14 -0.89
N LYS C 72 13.69 23.84 -0.97
CA LYS C 72 13.41 23.04 0.22
C LYS C 72 14.69 22.91 1.07
N ARG C 73 15.81 22.57 0.45
CA ARG C 73 17.08 22.43 1.17
C ARG C 73 17.47 23.78 1.77
N ALA C 74 17.08 24.87 1.11
CA ALA C 74 17.40 26.20 1.58
C ALA C 74 16.77 26.47 2.94
N SER C 75 15.70 25.76 3.26
CA SER C 75 15.00 25.95 4.53
C SER C 75 15.73 25.26 5.69
N GLY C 76 16.70 24.41 5.35
CA GLY C 76 17.43 23.69 6.37
C GLY C 76 17.06 22.22 6.37
N TYR C 77 16.05 21.87 5.58
CA TYR C 77 15.60 20.49 5.46
C TYR C 77 16.79 19.62 5.04
N PRO C 78 16.99 18.49 5.71
CA PRO C 78 18.11 17.60 5.38
C PRO C 78 18.23 17.15 3.93
N LEU C 79 19.43 17.25 3.39
CA LEU C 79 19.69 16.86 2.02
C LEU C 79 19.41 15.39 1.78
N HIS C 80 19.75 14.55 2.76
CA HIS C 80 19.56 13.12 2.60
C HIS C 80 18.10 12.69 2.71
N TYR C 81 17.27 13.54 3.31
CA TYR C 81 15.85 13.24 3.38
C TYR C 81 15.28 13.49 2.00
N ILE C 82 15.86 14.49 1.29
CA ILE C 82 15.44 14.81 -0.06
C ILE C 82 15.93 13.69 -0.99
N LEU C 83 17.16 13.23 -0.75
CA LEU C 83 17.72 12.16 -1.56
C LEU C 83 17.12 10.80 -1.24
N GLY C 84 16.65 10.62 -0.01
CA GLY C 84 16.06 9.36 0.40
C GLY C 84 17.09 8.28 0.68
N GLU C 85 18.36 8.66 0.69
CA GLU C 85 19.43 7.70 0.93
C GLU C 85 20.71 8.37 1.42
N LYS C 86 21.56 7.57 2.04
CA LYS C 86 22.84 8.03 2.55
C LYS C 86 23.85 6.92 2.33
N GLU C 87 24.99 7.27 1.74
CA GLU C 87 26.02 6.27 1.53
C GLU C 87 26.82 6.18 2.82
N PHE C 88 26.99 4.95 3.29
CA PHE C 88 27.70 4.67 4.53
C PHE C 88 28.49 3.39 4.27
N MET C 89 29.79 3.42 4.51
CA MET C 89 30.65 2.26 4.29
C MET C 89 30.52 1.76 2.84
N GLY C 90 30.27 2.68 1.91
CA GLY C 90 30.12 2.28 0.52
C GLY C 90 28.78 1.65 0.19
N LEU C 91 27.91 1.54 1.19
CA LEU C 91 26.59 0.96 0.99
C LEU C 91 25.55 2.08 0.98
N SER C 92 24.50 1.91 0.18
CA SER C 92 23.45 2.91 0.12
C SER C 92 22.34 2.58 1.10
N PHE C 93 22.15 3.44 2.09
CA PHE C 93 21.12 3.22 3.09
C PHE C 93 19.92 4.13 2.90
N LEU C 94 18.73 3.55 2.90
CA LEU C 94 17.52 4.33 2.76
C LEU C 94 17.29 5.07 4.08
N VAL C 95 16.86 6.32 3.98
CA VAL C 95 16.59 7.14 5.16
C VAL C 95 15.40 8.02 4.81
N GLU C 96 14.65 8.45 5.82
CA GLU C 96 13.50 9.31 5.63
C GLU C 96 13.18 9.99 6.96
N GLU C 97 12.17 10.85 7.00
CA GLU C 97 11.82 11.49 8.25
C GLU C 97 11.53 10.41 9.29
N GLY C 98 11.94 10.65 10.52
CA GLY C 98 11.72 9.69 11.58
C GLY C 98 12.92 8.80 11.82
N VAL C 99 13.94 8.93 10.97
CA VAL C 99 15.16 8.15 11.09
C VAL C 99 16.40 9.03 11.04
N PHE C 100 17.35 8.75 11.94
CA PHE C 100 18.60 9.51 12.01
C PHE C 100 19.46 9.19 10.79
N VAL C 101 20.07 10.23 10.23
CA VAL C 101 20.93 10.06 9.07
C VAL C 101 22.34 9.66 9.52
N PRO C 102 22.84 8.51 9.07
CA PRO C 102 24.18 8.07 9.46
C PRO C 102 25.20 9.19 9.26
N ARG C 103 26.12 9.32 10.22
CA ARG C 103 27.15 10.34 10.18
C ARG C 103 28.50 9.72 9.82
N PRO C 104 29.40 10.51 9.20
CA PRO C 104 30.74 10.07 8.79
C PRO C 104 31.49 9.37 9.91
N GLU C 105 31.63 10.05 11.04
CA GLU C 105 32.35 9.49 12.18
C GLU C 105 31.99 8.05 12.50
N THR C 106 30.71 7.72 12.43
CA THR C 106 30.26 6.38 12.74
C THR C 106 30.87 5.33 11.82
N GLU C 107 31.39 5.76 10.67
CA GLU C 107 32.03 4.80 9.77
C GLU C 107 33.32 4.32 10.42
N GLU C 108 34.03 5.22 11.09
CA GLU C 108 35.28 4.85 11.75
C GLU C 108 35.01 3.88 12.89
N LEU C 109 33.84 3.98 13.51
CA LEU C 109 33.50 3.06 14.60
C LEU C 109 33.32 1.66 14.01
N VAL C 110 32.69 1.59 12.85
CA VAL C 110 32.45 0.31 12.19
C VAL C 110 33.75 -0.36 11.73
N GLU C 111 34.67 0.44 11.23
CA GLU C 111 35.94 -0.08 10.77
C GLU C 111 36.67 -0.75 11.93
N LEU C 112 36.63 -0.11 13.11
CA LEU C 112 37.26 -0.66 14.29
C LEU C 112 36.51 -1.90 14.75
N ALA C 113 35.22 -1.94 14.44
CA ALA C 113 34.37 -3.08 14.80
C ALA C 113 34.78 -4.29 13.98
N LEU C 114 34.97 -4.08 12.67
CA LEU C 114 35.37 -5.14 11.76
C LEU C 114 36.79 -5.60 12.08
N GLU C 115 37.54 -4.70 12.70
CA GLU C 115 38.92 -4.95 13.11
C GLU C 115 38.91 -6.02 14.20
N LEU C 116 38.17 -5.73 15.28
CA LEU C 116 38.06 -6.62 16.42
C LEU C 116 37.35 -7.91 16.08
N ILE C 117 36.48 -7.89 15.07
CA ILE C 117 35.78 -9.10 14.68
C ILE C 117 36.74 -10.01 13.95
N ARG C 118 37.56 -9.42 13.09
CA ARG C 118 38.56 -10.16 12.31
C ARG C 118 39.88 -10.20 13.07
N LYS C 119 39.78 -10.46 14.37
CA LYS C 119 40.94 -10.55 15.25
C LYS C 119 40.62 -11.64 16.26
N TYR C 120 39.64 -11.36 17.11
CA TYR C 120 39.22 -12.32 18.12
C TYR C 120 38.26 -13.30 17.47
N GLY C 121 38.07 -13.18 16.17
CA GLY C 121 37.16 -14.05 15.44
C GLY C 121 35.78 -14.06 16.06
N ILE C 122 35.24 -12.87 16.32
CA ILE C 122 33.91 -12.72 16.93
C ILE C 122 32.79 -13.18 16.00
N LYS C 123 31.77 -13.79 16.59
CA LYS C 123 30.64 -14.31 15.82
C LYS C 123 29.26 -13.73 16.16
N THR C 124 29.13 -13.08 17.30
CA THR C 124 27.86 -12.48 17.69
C THR C 124 28.01 -11.03 18.13
N VAL C 125 27.29 -10.13 17.46
CA VAL C 125 27.36 -8.71 17.75
C VAL C 125 25.97 -8.08 17.97
N ALA C 126 25.93 -7.02 18.78
CA ALA C 126 24.68 -6.32 19.05
C ALA C 126 24.85 -4.87 18.64
N ASP C 127 23.76 -4.26 18.18
CA ASP C 127 23.76 -2.85 17.77
C ASP C 127 22.56 -2.18 18.42
N ILE C 128 22.82 -1.40 19.47
CA ILE C 128 21.76 -0.70 20.19
C ILE C 128 21.44 0.65 19.56
N GLY C 129 20.15 0.89 19.31
CA GLY C 129 19.71 2.14 18.68
C GLY C 129 20.25 2.15 17.27
N THR C 130 19.91 1.12 16.51
CA THR C 130 20.37 0.94 15.14
C THR C 130 19.94 1.98 14.10
N GLY C 131 18.90 2.75 14.41
CA GLY C 131 18.42 3.75 13.47
C GLY C 131 18.15 3.15 12.10
N SER C 132 18.85 3.61 11.07
CA SER C 132 18.66 3.08 9.72
C SER C 132 19.34 1.73 9.56
N GLY C 133 20.12 1.34 10.57
CA GLY C 133 20.82 0.07 10.54
C GLY C 133 22.26 0.16 10.05
N ALA C 134 22.74 1.38 9.80
CA ALA C 134 24.11 1.57 9.30
C ALA C 134 25.20 0.72 9.96
N ILE C 135 25.28 0.76 11.30
CA ILE C 135 26.29 -0.01 12.01
C ILE C 135 26.08 -1.51 11.88
N GLY C 136 24.95 -1.99 12.38
CA GLY C 136 24.64 -3.41 12.31
C GLY C 136 24.71 -4.01 10.91
N VAL C 137 23.91 -3.50 9.99
CA VAL C 137 23.89 -3.99 8.62
C VAL C 137 25.28 -4.01 7.98
N SER C 138 26.07 -2.98 8.19
CA SER C 138 27.42 -2.95 7.63
C SER C 138 28.28 -4.08 8.20
N VAL C 139 28.14 -4.33 9.50
CA VAL C 139 28.91 -5.40 10.16
C VAL C 139 28.54 -6.75 9.55
N ALA C 140 27.24 -7.00 9.39
CA ALA C 140 26.77 -8.25 8.80
C ALA C 140 27.26 -8.40 7.37
N LYS C 141 27.24 -7.30 6.62
CA LYS C 141 27.67 -7.30 5.22
C LYS C 141 29.17 -7.53 5.01
N PHE C 142 30.01 -7.08 5.95
CA PHE C 142 31.46 -7.23 5.81
C PHE C 142 32.14 -8.20 6.78
N SER C 143 31.38 -9.19 7.26
CA SER C 143 31.92 -10.19 8.17
C SER C 143 30.95 -11.37 8.25
N ASP C 144 31.30 -12.35 9.07
CA ASP C 144 30.48 -13.55 9.21
C ASP C 144 29.56 -13.51 10.43
N ALA C 145 29.80 -12.56 11.32
CA ALA C 145 29.01 -12.45 12.53
C ALA C 145 27.54 -12.14 12.22
N ILE C 146 26.66 -12.48 13.17
CA ILE C 146 25.24 -12.20 13.04
C ILE C 146 25.02 -11.00 13.96
N VAL C 147 23.94 -10.26 13.77
CA VAL C 147 23.71 -9.08 14.59
C VAL C 147 22.31 -8.97 15.20
N PHE C 148 22.26 -8.56 16.47
CA PHE C 148 20.99 -8.37 17.15
C PHE C 148 20.82 -6.86 17.34
N ALA C 149 19.95 -6.27 16.53
CA ALA C 149 19.71 -4.84 16.57
C ALA C 149 18.42 -4.46 17.27
N THR C 150 18.42 -3.32 17.94
CA THR C 150 17.24 -2.84 18.63
C THR C 150 17.10 -1.34 18.44
N ASP C 151 15.93 -0.82 18.81
CA ASP C 151 15.69 0.61 18.72
C ASP C 151 14.29 0.87 19.26
N VAL C 152 14.14 1.97 20.01
CA VAL C 152 12.85 2.31 20.58
C VAL C 152 11.92 2.92 19.53
N SER C 153 12.46 3.16 18.34
CA SER C 153 11.67 3.77 17.26
C SER C 153 11.11 2.72 16.32
N SER C 154 9.79 2.65 16.26
CA SER C 154 9.13 1.69 15.40
C SER C 154 9.54 1.97 13.95
N LYS C 155 9.60 3.25 13.60
CA LYS C 155 10.00 3.67 12.26
C LYS C 155 11.42 3.21 11.93
N ALA C 156 12.33 3.36 12.90
CA ALA C 156 13.71 2.95 12.70
C ALA C 156 13.80 1.44 12.44
N VAL C 157 13.04 0.66 13.20
CA VAL C 157 13.03 -0.78 13.07
C VAL C 157 12.67 -1.24 11.65
N GLU C 158 11.61 -0.67 11.09
CA GLU C 158 11.18 -1.04 9.74
C GLU C 158 12.20 -0.67 8.68
N ILE C 159 12.84 0.49 8.84
CA ILE C 159 13.84 0.95 7.86
C ILE C 159 15.12 0.13 7.97
N ALA C 160 15.50 -0.21 9.20
CA ALA C 160 16.70 -1.01 9.43
C ALA C 160 16.50 -2.35 8.74
N ARG C 161 15.29 -2.88 8.88
CA ARG C 161 14.92 -4.14 8.27
C ARG C 161 14.98 -4.06 6.75
N LYS C 162 14.43 -2.98 6.19
CA LYS C 162 14.45 -2.79 4.73
C LYS C 162 15.89 -2.74 4.24
N ASN C 163 16.73 -1.96 4.92
CA ASN C 163 18.12 -1.85 4.52
C ASN C 163 18.84 -3.19 4.69
N ALA C 164 18.36 -4.03 5.59
CA ALA C 164 18.97 -5.34 5.82
C ALA C 164 18.69 -6.20 4.58
N GLU C 165 17.44 -6.22 4.15
CA GLU C 165 17.08 -6.99 2.96
C GLU C 165 17.79 -6.38 1.75
N ARG C 166 17.78 -5.05 1.68
CA ARG C 166 18.42 -4.32 0.59
C ARG C 166 19.89 -4.72 0.39
N HIS C 167 20.53 -5.29 1.40
CA HIS C 167 21.92 -5.68 1.27
C HIS C 167 22.17 -7.17 1.50
N GLY C 168 21.11 -7.96 1.32
CA GLY C 168 21.20 -9.39 1.49
C GLY C 168 21.81 -9.86 2.79
N VAL C 169 21.20 -9.46 3.90
CA VAL C 169 21.68 -9.86 5.22
C VAL C 169 20.52 -10.05 6.17
N SER C 170 19.33 -10.27 5.63
CA SER C 170 18.13 -10.48 6.44
C SER C 170 18.24 -11.75 7.26
N ASP C 171 19.20 -12.59 6.86
CA ASP C 171 19.45 -13.88 7.52
C ASP C 171 20.49 -13.75 8.64
N ARG C 172 21.12 -12.59 8.75
CA ARG C 172 22.11 -12.38 9.79
C ARG C 172 21.86 -11.11 10.60
N PHE C 173 20.89 -10.31 10.15
CA PHE C 173 20.55 -9.08 10.85
C PHE C 173 19.11 -9.18 11.35
N PHE C 174 18.97 -9.22 12.67
CA PHE C 174 17.65 -9.33 13.28
C PHE C 174 17.39 -8.11 14.16
N VAL C 175 16.39 -7.30 13.80
CA VAL C 175 16.08 -6.11 14.59
C VAL C 175 14.72 -6.21 15.28
N ARG C 176 14.63 -5.68 16.50
CA ARG C 176 13.39 -5.70 17.28
C ARG C 176 13.20 -4.39 18.04
N LYS C 177 11.96 -4.00 18.22
CA LYS C 177 11.63 -2.76 18.93
C LYS C 177 11.77 -2.89 20.44
N GLY C 178 12.24 -1.81 21.07
CA GLY C 178 12.43 -1.80 22.51
C GLY C 178 13.75 -1.12 22.84
N GLU C 179 13.99 -0.81 24.11
CA GLU C 179 15.23 -0.16 24.50
C GLU C 179 16.37 -1.07 24.94
N PHE C 180 17.58 -0.55 24.78
CA PHE C 180 18.80 -1.28 25.13
C PHE C 180 18.75 -2.69 24.57
N LEU C 181 19.11 -3.69 25.37
CA LEU C 181 19.08 -5.05 24.86
C LEU C 181 17.94 -5.94 25.39
N GLU C 182 16.92 -5.33 25.99
CA GLU C 182 15.78 -6.08 26.53
C GLU C 182 15.09 -7.01 25.54
N PRO C 183 14.84 -6.55 24.30
CA PRO C 183 14.18 -7.41 23.32
C PRO C 183 14.99 -8.64 22.90
N PHE C 184 16.18 -8.79 23.46
CA PHE C 184 17.05 -9.93 23.15
C PHE C 184 17.67 -10.53 24.41
N LYS C 185 17.07 -10.26 25.56
CA LYS C 185 17.57 -10.74 26.85
C LYS C 185 18.08 -12.19 26.87
N GLU C 186 17.38 -13.08 26.18
CA GLU C 186 17.77 -14.48 26.14
C GLU C 186 19.06 -14.75 25.36
N LYS C 187 19.50 -13.78 24.58
CA LYS C 187 20.73 -13.93 23.78
C LYS C 187 21.90 -13.20 24.45
N PHE C 188 21.59 -12.46 25.52
CA PHE C 188 22.59 -11.67 26.21
C PHE C 188 23.96 -12.30 26.44
N ALA C 189 23.98 -13.55 26.88
CA ALA C 189 25.24 -14.23 27.13
C ALA C 189 25.96 -14.57 25.82
N SER C 190 25.18 -14.76 24.76
CA SER C 190 25.71 -15.11 23.45
C SER C 190 26.50 -13.99 22.76
N ILE C 191 26.15 -12.74 23.07
CA ILE C 191 26.79 -11.58 22.46
C ILE C 191 28.23 -11.34 22.91
N GLU C 192 29.16 -11.38 21.96
CA GLU C 192 30.57 -11.17 22.27
C GLU C 192 30.97 -9.69 22.15
N MET C 193 30.21 -8.94 21.36
CA MET C 193 30.49 -7.52 21.14
C MET C 193 29.23 -6.65 21.08
N ILE C 194 29.23 -5.58 21.87
CA ILE C 194 28.11 -4.64 21.91
C ILE C 194 28.51 -3.29 21.31
N LEU C 195 27.93 -2.96 20.15
CA LEU C 195 28.22 -1.71 19.46
C LEU C 195 27.05 -0.73 19.54
N SER C 196 27.35 0.57 19.50
CA SER C 196 26.30 1.57 19.56
C SER C 196 26.72 3.03 19.40
N ASN C 197 25.89 3.78 18.69
CA ASN C 197 26.08 5.22 18.51
C ASN C 197 24.79 5.76 19.08
N PRO C 198 24.76 5.98 20.40
CA PRO C 198 23.60 6.48 21.11
C PRO C 198 23.44 7.98 21.09
N PRO C 199 22.31 8.45 21.62
CA PRO C 199 22.08 9.89 21.66
C PRO C 199 22.99 10.41 22.77
N TYR C 200 23.85 11.38 22.45
CA TYR C 200 24.74 11.94 23.45
C TYR C 200 24.82 13.46 23.47
N VAL C 201 23.78 14.09 22.93
CA VAL C 201 23.72 15.54 22.90
C VAL C 201 23.04 16.07 24.18
N LYS C 202 23.58 17.16 24.73
CA LYS C 202 23.02 17.77 25.93
C LYS C 202 21.66 18.34 25.57
N SER C 203 20.66 18.12 26.41
CA SER C 203 19.33 18.61 26.09
C SER C 203 19.29 20.13 25.94
N SER C 204 20.35 20.80 26.36
CA SER C 204 20.42 22.26 26.27
C SER C 204 21.19 22.76 25.03
N ALA C 205 21.80 21.84 24.29
CA ALA C 205 22.57 22.19 23.10
C ALA C 205 21.73 22.76 21.96
N HIS C 206 22.31 23.69 21.20
CA HIS C 206 21.60 24.30 20.08
C HIS C 206 21.56 23.31 18.91
N LEU C 207 20.39 23.23 18.29
CA LEU C 207 20.19 22.33 17.16
C LEU C 207 20.32 23.04 15.82
N PRO C 208 21.30 22.62 14.98
CA PRO C 208 21.49 23.23 13.67
C PRO C 208 20.23 23.00 12.85
N LYS C 209 19.93 23.91 11.92
CA LYS C 209 18.74 23.81 11.10
C LYS C 209 18.29 22.45 10.58
N ASP C 210 19.21 21.60 10.12
CA ASP C 210 18.76 20.32 9.61
C ASP C 210 18.57 19.24 10.66
N VAL C 211 19.34 19.32 11.75
CA VAL C 211 19.23 18.35 12.83
C VAL C 211 17.86 18.53 13.47
N LEU C 212 17.34 19.74 13.28
CA LEU C 212 16.03 20.12 13.77
C LEU C 212 14.94 19.20 13.19
N PHE C 213 15.22 18.61 12.03
CA PHE C 213 14.29 17.72 11.34
C PHE C 213 14.49 16.23 11.60
N GLU C 214 15.43 15.89 12.47
CA GLU C 214 15.66 14.49 12.79
C GLU C 214 14.96 14.13 14.10
N PRO C 215 14.80 12.82 14.38
CA PRO C 215 14.13 12.40 15.61
C PRO C 215 14.83 12.88 16.87
N PRO C 216 14.11 13.59 17.74
CA PRO C 216 14.76 14.05 18.98
C PRO C 216 15.23 12.90 19.89
N GLU C 217 14.59 11.73 19.79
CA GLU C 217 14.98 10.59 20.60
C GLU C 217 16.33 10.06 20.17
N ALA C 218 16.77 10.45 18.98
CA ALA C 218 18.05 10.01 18.44
C ALA C 218 19.18 10.95 18.85
N LEU C 219 18.82 12.13 19.36
CA LEU C 219 19.82 13.12 19.75
C LEU C 219 20.13 13.27 21.24
N PHE C 220 19.11 13.62 22.02
CA PHE C 220 19.25 13.91 23.43
C PHE C 220 19.47 12.82 24.45
N GLY C 221 20.40 13.10 25.36
CA GLY C 221 20.74 12.17 26.43
C GLY C 221 20.70 12.87 27.79
N GLY C 222 19.66 13.68 28.00
CA GLY C 222 19.51 14.38 29.26
C GLY C 222 20.28 15.68 29.35
N GLU C 223 20.23 16.32 30.52
CA GLU C 223 20.94 17.58 30.77
C GLU C 223 22.42 17.39 30.58
N ASP C 224 22.88 16.23 31.00
CA ASP C 224 24.27 15.80 30.97
C ASP C 224 24.71 15.32 29.58
N GLY C 225 23.79 14.66 28.88
CA GLY C 225 24.07 14.13 27.56
C GLY C 225 24.56 12.70 27.71
N LEU C 226 24.75 12.27 28.95
CA LEU C 226 25.25 10.92 29.21
C LEU C 226 24.24 9.92 29.76
N ASP C 227 22.94 10.23 29.71
CA ASP C 227 21.91 9.32 30.23
C ASP C 227 22.00 7.90 29.70
N PHE C 228 22.10 7.75 28.38
CA PHE C 228 22.19 6.43 27.78
C PHE C 228 23.29 5.60 28.45
N TYR C 229 24.49 6.18 28.53
CA TYR C 229 25.65 5.51 29.13
C TYR C 229 25.38 5.11 30.58
N ARG C 230 24.97 6.08 31.39
CA ARG C 230 24.68 5.80 32.78
C ARG C 230 23.75 4.60 32.93
N GLU C 231 22.63 4.61 32.22
CA GLU C 231 21.69 3.50 32.33
C GLU C 231 22.23 2.19 31.78
N PHE C 232 22.93 2.25 30.65
CA PHE C 232 23.45 1.01 30.06
C PHE C 232 24.43 0.31 30.99
N PHE C 233 25.46 1.03 31.42
CA PHE C 233 26.48 0.46 32.30
C PHE C 233 26.01 0.11 33.71
N GLY C 234 24.93 0.74 34.15
CA GLY C 234 24.40 0.46 35.47
C GLY C 234 23.32 -0.61 35.43
N ARG C 235 23.18 -1.26 34.27
CA ARG C 235 22.17 -2.30 34.10
C ARG C 235 22.73 -3.59 33.49
N TYR C 236 23.84 -3.49 32.78
CA TYR C 236 24.42 -4.67 32.14
C TYR C 236 25.82 -5.00 32.61
N ASP C 237 26.03 -6.28 32.95
CA ASP C 237 27.33 -6.74 33.36
C ASP C 237 28.05 -7.03 32.05
N THR C 238 29.14 -6.31 31.79
CA THR C 238 29.90 -6.46 30.56
C THR C 238 31.02 -7.48 30.60
N SER C 239 30.91 -8.46 31.51
CA SER C 239 31.94 -9.49 31.64
C SER C 239 32.16 -10.33 30.38
N GLY C 240 33.42 -10.47 30.00
CA GLY C 240 33.77 -11.27 28.84
C GLY C 240 33.32 -10.71 27.50
N LYS C 241 32.91 -9.44 27.49
CA LYS C 241 32.43 -8.79 26.27
C LYS C 241 33.21 -7.53 25.90
N ILE C 242 33.11 -7.15 24.64
CA ILE C 242 33.77 -5.95 24.13
C ILE C 242 32.66 -4.93 23.87
N VAL C 243 32.82 -3.72 24.37
CA VAL C 243 31.83 -2.67 24.16
C VAL C 243 32.47 -1.48 23.46
N LEU C 244 32.00 -1.20 22.25
CA LEU C 244 32.52 -0.07 21.45
C LEU C 244 31.35 0.88 21.13
N MET C 245 31.44 2.10 21.62
CA MET C 245 30.38 3.09 21.42
C MET C 245 30.91 4.46 21.06
N GLU C 246 30.12 5.22 20.32
CA GLU C 246 30.49 6.58 19.93
C GLU C 246 30.11 7.53 21.10
N ILE C 247 30.89 8.58 21.31
CA ILE C 247 30.62 9.52 22.39
C ILE C 247 30.83 10.97 21.98
N GLY C 248 30.49 11.90 22.87
CA GLY C 248 30.69 13.31 22.59
C GLY C 248 32.16 13.65 22.78
N GLU C 249 32.66 14.65 22.06
CA GLU C 249 34.08 15.01 22.18
C GLU C 249 34.48 15.62 23.51
N ASP C 250 33.51 16.04 24.31
CA ASP C 250 33.79 16.66 25.61
C ASP C 250 33.29 15.79 26.76
N GLN C 251 33.07 14.51 26.52
CA GLN C 251 32.53 13.63 27.56
C GLN C 251 33.48 12.61 28.18
N VAL C 252 34.68 12.50 27.65
CA VAL C 252 35.67 11.55 28.16
C VAL C 252 35.80 11.51 29.68
N GLU C 253 36.16 12.65 30.26
CA GLU C 253 36.36 12.77 31.70
C GLU C 253 35.16 12.39 32.57
N GLU C 254 33.95 12.78 32.15
CA GLU C 254 32.75 12.44 32.91
C GLU C 254 32.38 10.99 32.69
N LEU C 255 32.76 10.46 31.53
CA LEU C 255 32.47 9.07 31.21
C LEU C 255 33.39 8.14 31.99
N LYS C 256 34.56 8.63 32.37
CA LYS C 256 35.50 7.81 33.14
C LYS C 256 34.91 7.52 34.52
N LYS C 257 34.03 8.42 34.98
CA LYS C 257 33.37 8.28 36.29
C LYS C 257 32.14 7.37 36.21
N ILE C 258 31.73 7.00 35.00
CA ILE C 258 30.57 6.17 34.78
C ILE C 258 30.99 4.73 34.51
N VAL C 259 32.13 4.58 33.86
CA VAL C 259 32.67 3.27 33.54
C VAL C 259 34.18 3.32 33.64
N SER C 260 34.75 2.49 34.51
CA SER C 260 36.19 2.46 34.70
C SER C 260 36.87 1.43 33.80
N ASP C 261 38.19 1.55 33.69
CA ASP C 261 38.99 0.65 32.85
C ASP C 261 38.63 0.74 31.37
N THR C 262 38.18 1.92 30.95
CA THR C 262 37.79 2.14 29.55
C THR C 262 38.82 2.98 28.80
N VAL C 263 39.01 2.64 27.52
CA VAL C 263 39.96 3.34 26.66
C VAL C 263 39.17 4.28 25.75
N PHE C 264 39.69 5.48 25.52
CA PHE C 264 39.03 6.46 24.67
C PHE C 264 39.82 6.81 23.41
N LEU C 265 39.30 6.42 22.24
CA LEU C 265 39.96 6.67 20.97
C LEU C 265 39.51 7.96 20.28
N LYS C 266 40.35 8.49 19.40
CA LYS C 266 40.05 9.72 18.69
C LYS C 266 39.59 9.58 17.24
N ASP C 267 39.04 10.68 16.73
CA ASP C 267 38.54 10.78 15.37
C ASP C 267 39.70 10.85 14.41
N SER C 268 39.36 11.03 13.14
CA SER C 268 40.36 11.21 12.11
C SER C 268 40.53 12.73 12.14
N ALA C 269 39.60 13.39 12.83
CA ALA C 269 39.59 14.84 12.98
C ALA C 269 40.22 15.27 14.32
N GLY C 270 40.77 14.31 15.05
CA GLY C 270 41.42 14.63 16.31
C GLY C 270 40.51 14.79 17.52
N LYS C 271 39.22 14.53 17.35
CA LYS C 271 38.27 14.64 18.45
C LYS C 271 38.09 13.27 19.10
N TYR C 272 37.75 13.23 20.39
CA TYR C 272 37.51 11.94 21.04
C TYR C 272 36.11 11.54 20.59
N ARG C 273 35.99 10.38 19.96
CA ARG C 273 34.70 9.92 19.46
C ARG C 273 34.25 8.55 19.90
N PHE C 274 35.18 7.73 20.37
CA PHE C 274 34.79 6.38 20.77
C PHE C 274 35.28 5.97 22.15
N LEU C 275 34.56 5.02 22.75
CA LEU C 275 34.93 4.47 24.04
C LEU C 275 34.97 2.98 23.80
N LEU C 276 36.06 2.35 24.23
CA LEU C 276 36.25 0.93 24.05
C LEU C 276 36.60 0.21 25.34
N LEU C 277 35.70 -0.66 25.78
CA LEU C 277 35.90 -1.45 26.99
C LEU C 277 36.05 -2.89 26.54
N ASN C 278 37.27 -3.42 26.63
CA ASN C 278 37.53 -4.79 26.21
C ASN C 278 37.66 -5.70 27.43
N ARG C 279 36.67 -6.57 27.63
CA ARG C 279 36.71 -7.50 28.76
C ARG C 279 36.63 -8.94 28.25
N ARG C 280 37.07 -9.13 27.02
CA ARG C 280 37.08 -10.45 26.40
C ARG C 280 38.32 -11.20 26.90
N SER C 281 38.17 -11.86 28.04
CA SER C 281 39.29 -12.61 28.62
C SER C 281 39.30 -14.06 28.13
#